data_9BKQ
#
_entry.id   9BKQ
#
_cell.length_a   64.848
_cell.length_b   66.799
_cell.length_c   196.911
_cell.angle_alpha   90.000
_cell.angle_beta   90.000
_cell.angle_gamma   90.000
#
_symmetry.space_group_name_H-M   'P 21 21 21'
#
loop_
_entity.id
_entity.type
_entity.pdbx_description
1 polymer 'Penguinpox cGAMP PDE'
2 non-polymer 9-{3-O-[(S)-thiophosphono]-alpha-L-lyxofuranosyl}-9H-purin-6-amine
3 non-polymer GUANINE
4 water water
#
_entity_poly.entity_id   1
_entity_poly.type   'polypeptide(L)'
_entity_poly.pdbx_seq_one_letter_code
;SATTIQKELENIVVKERQNKKDTILMGLKVEVPWNYCDWASISFYDVRLESGILDMESIAVKYMTGCDIPPHVTLGITNK
DQEANFQRFKELTRNIDLTSLSFTCKEVICFPQSRASKELGANGRAVVMKLEASDDVKALRNVLFNVVPTPRDIFGPVLS
DPVWCPHVTIGYVRADDEDNKNSFIELAEAFRGSKIKVIGWCE
;
_entity_poly.pdbx_strand_id   A,B,C,D
#
loop_
_chem_comp.id
_chem_comp.type
_chem_comp.name
_chem_comp.formula
A1AQN non-polymer 9-{3-O-[(S)-thiophosphono]-alpha-L-lyxofuranosyl}-9H-purin-6-amine 'C10 H14 N5 O6 P S'
GUN non-polymer GUANINE 'C5 H5 N5 O'
#
# COMPACT_ATOMS: atom_id res chain seq x y z
N SER A 1 -27.74 -16.48 -17.31
CA SER A 1 -28.07 -17.86 -17.11
C SER A 1 -27.51 -18.69 -18.24
N ALA A 2 -26.91 -19.83 -17.93
CA ALA A 2 -26.38 -20.72 -18.94
C ALA A 2 -27.47 -21.40 -19.75
N THR A 3 -27.20 -21.53 -21.05
CA THR A 3 -28.05 -22.19 -22.02
C THR A 3 -27.83 -23.65 -22.03
N THR A 4 -28.62 -24.36 -22.77
CA THR A 4 -28.48 -25.77 -22.87
C THR A 4 -27.11 -26.15 -23.43
N ILE A 5 -26.70 -25.47 -24.48
CA ILE A 5 -25.42 -25.73 -25.09
C ILE A 5 -24.27 -25.43 -24.14
N GLN A 6 -24.38 -24.36 -23.39
CA GLN A 6 -23.36 -23.97 -22.45
C GLN A 6 -23.19 -25.02 -21.36
N LYS A 7 -24.29 -25.54 -20.88
CA LYS A 7 -24.28 -26.59 -19.88
C LYS A 7 -23.61 -27.83 -20.46
N GLU A 8 -23.92 -28.16 -21.69
CA GLU A 8 -23.32 -29.27 -22.33
C GLU A 8 -21.83 -29.04 -22.54
N LEU A 9 -21.45 -27.82 -22.86
CA LEU A 9 -20.03 -27.49 -23.03
C LEU A 9 -19.28 -27.60 -21.71
N GLU A 10 -19.93 -27.23 -20.60
CA GLU A 10 -19.30 -27.41 -19.31
C GLU A 10 -18.99 -28.87 -19.03
N ASN A 11 -19.95 -29.76 -19.32
CA ASN A 11 -19.70 -31.19 -19.15
C ASN A 11 -18.49 -31.63 -19.96
N ILE A 12 -18.32 -31.09 -21.16
CA ILE A 12 -17.16 -31.45 -21.98
C ILE A 12 -15.88 -30.96 -21.34
N VAL A 13 -15.89 -29.74 -20.79
CA VAL A 13 -14.70 -29.21 -20.10
C VAL A 13 -14.34 -30.11 -18.92
N VAL A 14 -15.32 -30.45 -18.09
CA VAL A 14 -15.04 -31.26 -16.90
C VAL A 14 -14.49 -32.62 -17.31
N LYS A 15 -15.15 -33.27 -18.28
CA LYS A 15 -14.68 -34.59 -18.71
C LYS A 15 -13.29 -34.51 -19.32
N GLU A 16 -13.03 -33.48 -20.12
CA GLU A 16 -11.71 -33.28 -20.69
C GLU A 16 -10.64 -33.26 -19.60
N ARG A 17 -10.91 -32.51 -18.53
CA ARG A 17 -9.96 -32.47 -17.41
C ARG A 17 -9.80 -33.85 -16.78
N GLN A 18 -10.90 -34.57 -16.58
CA GLN A 18 -10.82 -35.91 -16.00
C GLN A 18 -9.97 -36.83 -16.88
N ASN A 19 -10.15 -36.74 -18.17
CA ASN A 19 -9.44 -37.56 -19.09
C ASN A 19 -8.01 -37.20 -19.19
N LYS A 20 -7.64 -35.99 -18.88
CA LYS A 20 -6.26 -35.60 -19.01
C LYS A 20 -5.33 -36.31 -18.09
N LYS A 21 -4.32 -36.84 -18.68
CA LYS A 21 -3.23 -37.51 -18.05
C LYS A 21 -2.00 -37.13 -18.87
N ASP A 22 -0.84 -37.31 -18.30
CA ASP A 22 0.40 -37.08 -19.04
C ASP A 22 0.57 -35.70 -19.71
N THR A 23 0.28 -34.66 -18.98
CA THR A 23 0.49 -33.32 -19.45
C THR A 23 1.79 -32.77 -18.89
N ILE A 24 2.26 -31.64 -19.35
CA ILE A 24 3.45 -31.04 -18.82
C ILE A 24 3.19 -29.76 -18.06
N LEU A 25 3.96 -29.52 -17.01
CA LEU A 25 3.79 -28.31 -16.21
C LEU A 25 4.76 -27.25 -16.67
N MET A 26 4.24 -26.07 -16.99
CA MET A 26 5.04 -24.90 -17.33
C MET A 26 4.87 -23.91 -16.18
N GLY A 27 5.80 -23.93 -15.23
CA GLY A 27 5.67 -23.13 -14.04
C GLY A 27 7.01 -22.69 -13.51
N LEU A 28 6.96 -21.86 -12.47
CA LEU A 28 8.14 -21.26 -11.87
C LEU A 28 8.27 -21.83 -10.47
N LYS A 29 9.42 -22.47 -10.20
CA LYS A 29 9.76 -23.00 -8.87
C LYS A 29 10.11 -21.80 -7.98
N VAL A 30 9.47 -21.70 -6.81
CA VAL A 30 9.62 -20.53 -5.96
C VAL A 30 10.00 -21.04 -4.58
N GLU A 31 10.54 -20.14 -3.76
CA GLU A 31 10.85 -20.41 -2.36
C GLU A 31 9.82 -19.67 -1.52
N VAL A 32 9.21 -20.37 -0.57
CA VAL A 32 8.14 -19.79 0.25
C VAL A 32 8.63 -19.66 1.69
N PRO A 33 8.09 -18.70 2.46
CA PRO A 33 8.55 -18.53 3.84
C PRO A 33 7.91 -19.48 4.84
N TRP A 34 6.89 -20.24 4.45
CA TRP A 34 6.21 -21.15 5.35
C TRP A 34 6.77 -22.57 5.23
N ASN A 35 6.59 -23.33 6.30
CA ASN A 35 7.09 -24.70 6.38
C ASN A 35 5.96 -25.64 6.81
N TYR A 36 6.17 -26.93 6.58
CA TYR A 36 5.20 -27.94 6.99
C TYR A 36 4.78 -27.76 8.44
N CYS A 37 5.76 -27.61 9.34
CA CYS A 37 5.45 -27.54 10.77
C CYS A 37 4.54 -26.36 11.10
N ASP A 38 4.49 -25.34 10.23
CA ASP A 38 3.55 -24.25 10.45
C ASP A 38 2.11 -24.73 10.40
N TRP A 39 1.84 -25.82 9.69
CA TRP A 39 0.50 -26.37 9.58
C TRP A 39 0.31 -27.62 10.44
N ALA A 40 1.16 -27.81 11.45
CA ALA A 40 1.12 -29.04 12.23
C ALA A 40 -0.26 -29.32 12.81
N SER A 41 -1.01 -28.27 13.15
CA SER A 41 -2.34 -28.45 13.72
C SER A 41 -3.42 -28.69 12.68
N ILE A 42 -3.06 -28.72 11.40
CA ILE A 42 -4.03 -28.80 10.31
C ILE A 42 -4.07 -30.22 9.78
N SER A 43 -5.28 -30.70 9.48
CA SER A 43 -5.47 -31.99 8.84
C SER A 43 -5.58 -31.76 7.33
N PHE A 44 -4.73 -32.43 6.57
CA PHE A 44 -4.69 -32.26 5.13
C PHE A 44 -5.33 -33.44 4.41
N TYR A 45 -5.77 -33.18 3.19
CA TYR A 45 -6.43 -34.18 2.34
C TYR A 45 -5.44 -34.64 1.28
N ASP A 46 -5.13 -35.93 1.28
CA ASP A 46 -4.15 -36.51 0.37
C ASP A 46 -4.81 -37.69 -0.33
N VAL A 47 -5.10 -37.54 -1.63
CA VAL A 47 -5.80 -38.59 -2.37
C VAL A 47 -5.03 -39.90 -2.31
N ARG A 48 -3.71 -39.84 -2.17
CA ARG A 48 -2.91 -41.06 -2.08
C ARG A 48 -3.26 -41.88 -0.84
N LEU A 49 -3.89 -41.27 0.15
CA LEU A 49 -4.33 -41.96 1.36
C LEU A 49 -5.83 -42.22 1.37
N GLU A 50 -6.53 -41.90 0.29
CA GLU A 50 -7.98 -42.00 0.24
C GLU A 50 -8.41 -43.18 -0.62
N SER A 51 -9.60 -43.69 -0.33
CA SER A 51 -10.23 -44.72 -1.14
C SER A 51 -11.39 -44.09 -1.91
N GLY A 52 -11.86 -44.81 -2.92
CA GLY A 52 -12.93 -44.30 -3.76
C GLY A 52 -12.50 -43.31 -4.81
N ILE A 53 -11.20 -43.16 -5.05
CA ILE A 53 -10.70 -42.31 -6.13
C ILE A 53 -10.77 -43.11 -7.42
N LEU A 54 -11.61 -42.66 -8.36
CA LEU A 54 -11.92 -43.47 -9.53
C LEU A 54 -10.82 -43.49 -10.58
N ASP A 55 -9.89 -42.52 -10.55
CA ASP A 55 -8.82 -42.49 -11.55
C ASP A 55 -7.66 -41.68 -10.96
N MET A 56 -6.72 -42.38 -10.32
CA MET A 56 -5.60 -41.71 -9.68
C MET A 56 -4.67 -41.03 -10.67
N GLU A 57 -4.69 -41.43 -11.94
CA GLU A 57 -3.79 -40.85 -12.92
C GLU A 57 -4.30 -39.54 -13.51
N SER A 58 -5.59 -39.25 -13.35
CA SER A 58 -6.14 -38.00 -13.86
C SER A 58 -5.48 -36.81 -13.17
N ILE A 59 -5.10 -35.81 -13.95
CA ILE A 59 -4.51 -34.59 -13.39
C ILE A 59 -5.47 -33.84 -12.50
N ALA A 60 -6.76 -34.19 -12.51
CA ALA A 60 -7.75 -33.54 -11.67
C ALA A 60 -7.65 -33.96 -10.20
N VAL A 61 -6.92 -35.03 -9.89
CA VAL A 61 -6.82 -35.52 -8.52
C VAL A 61 -5.40 -35.96 -8.22
N LYS A 62 -4.61 -36.29 -9.23
CA LYS A 62 -3.26 -36.75 -9.07
C LYS A 62 -2.38 -35.86 -8.19
N TYR A 63 -2.57 -34.56 -8.28
CA TYR A 63 -1.78 -33.62 -7.52
C TYR A 63 -2.39 -33.14 -6.20
N MET A 64 -3.49 -33.74 -5.79
CA MET A 64 -4.14 -33.38 -4.53
C MET A 64 -3.47 -34.18 -3.42
N THR A 65 -2.30 -33.75 -3.03
CA THR A 65 -1.52 -34.48 -2.07
C THR A 65 -1.20 -33.66 -0.83
N GLY A 66 -2.24 -33.40 -0.06
CA GLY A 66 -2.15 -32.65 1.16
C GLY A 66 -1.35 -31.39 1.04
N CYS A 67 -0.39 -31.25 1.92
CA CYS A 67 0.53 -30.14 1.88
C CYS A 67 1.88 -30.55 1.30
N ASP A 68 1.98 -31.78 0.82
CA ASP A 68 3.21 -32.27 0.21
C ASP A 68 3.25 -31.84 -1.22
N ILE A 69 3.56 -30.57 -1.41
CA ILE A 69 3.54 -29.90 -2.72
C ILE A 69 4.83 -29.11 -2.91
N PRO A 70 5.53 -29.28 -4.01
CA PRO A 70 6.70 -28.43 -4.30
C PRO A 70 6.26 -27.00 -4.57
N PRO A 71 6.80 -26.04 -3.83
CA PRO A 71 6.40 -24.63 -4.03
C PRO A 71 6.63 -24.20 -5.47
N HIS A 72 5.57 -23.73 -6.11
CA HIS A 72 5.66 -23.34 -7.50
C HIS A 72 4.46 -22.45 -7.86
N VAL A 73 4.66 -21.65 -8.90
CA VAL A 73 3.60 -20.84 -9.49
C VAL A 73 3.39 -21.34 -10.91
N THR A 74 2.23 -21.96 -11.16
CA THR A 74 1.92 -22.49 -12.47
C THR A 74 1.66 -21.35 -13.45
N LEU A 75 2.34 -21.41 -14.60
CA LEU A 75 2.01 -20.51 -15.71
C LEU A 75 0.96 -21.14 -16.63
N GLY A 76 1.15 -22.41 -16.96
CA GLY A 76 0.19 -23.11 -17.78
C GLY A 76 0.47 -24.59 -17.80
N ILE A 77 -0.56 -25.37 -18.10
CA ILE A 77 -0.47 -26.80 -18.27
C ILE A 77 -0.88 -27.12 -19.70
N THR A 78 -0.10 -27.95 -20.38
CA THR A 78 -0.37 -28.30 -21.77
C THR A 78 -0.02 -29.76 -21.99
N ASN A 79 -0.22 -30.23 -23.22
CA ASN A 79 -0.09 -31.64 -23.55
C ASN A 79 1.38 -32.03 -23.71
N LYS A 80 1.63 -33.35 -23.59
CA LYS A 80 2.99 -33.85 -23.69
C LYS A 80 3.59 -33.60 -25.06
N ASP A 81 2.76 -33.56 -26.11
CA ASP A 81 3.28 -33.32 -27.46
C ASP A 81 3.78 -31.89 -27.66
N GLN A 82 3.57 -31.01 -26.68
CA GLN A 82 4.11 -29.67 -26.73
C GLN A 82 5.46 -29.56 -26.02
N GLU A 83 6.03 -30.69 -25.58
CA GLU A 83 7.29 -30.66 -24.87
C GLU A 83 8.38 -29.96 -25.68
N ALA A 84 8.46 -30.27 -26.98
CA ALA A 84 9.47 -29.64 -27.81
C ALA A 84 9.29 -28.13 -27.87
N ASN A 85 8.04 -27.67 -28.05
CA ASN A 85 7.78 -26.23 -28.08
C ASN A 85 8.17 -25.57 -26.77
N PHE A 86 7.89 -26.23 -25.64
CA PHE A 86 8.23 -25.64 -24.35
C PHE A 86 9.74 -25.60 -24.15
N GLN A 87 10.44 -26.66 -24.55
CA GLN A 87 11.90 -26.66 -24.46
C GLN A 87 12.48 -25.56 -25.34
N ARG A 88 11.92 -25.37 -26.55
CA ARG A 88 12.36 -24.30 -27.41
C ARG A 88 12.09 -22.93 -26.78
N PHE A 89 11.01 -22.80 -26.01
CA PHE A 89 10.74 -21.54 -25.35
C PHE A 89 11.74 -21.26 -24.24
N LYS A 90 12.13 -22.29 -23.48
CA LYS A 90 13.14 -22.10 -22.46
C LYS A 90 14.45 -21.63 -23.05
N GLU A 91 14.78 -22.13 -24.25
CA GLU A 91 15.99 -21.67 -24.93
C GLU A 91 15.81 -20.25 -25.45
N LEU A 92 14.61 -19.92 -25.95
CA LEU A 92 14.35 -18.56 -26.41
C LEU A 92 14.47 -17.56 -25.28
N THR A 93 14.14 -17.97 -24.05
CA THR A 93 14.20 -17.10 -22.89
C THR A 93 15.46 -17.32 -22.05
N ARG A 94 16.52 -17.85 -22.66
CA ARG A 94 17.73 -18.17 -21.90
C ARG A 94 18.38 -16.92 -21.30
N ASN A 95 18.25 -15.77 -21.97
CA ASN A 95 18.87 -14.55 -21.47
C ASN A 95 18.05 -13.91 -20.35
N ILE A 96 16.82 -14.34 -20.12
CA ILE A 96 15.99 -13.77 -19.07
C ILE A 96 16.39 -14.35 -17.73
N ASP A 97 16.64 -13.49 -16.75
CA ASP A 97 17.00 -13.90 -15.40
C ASP A 97 15.71 -14.14 -14.62
N LEU A 98 15.29 -15.41 -14.55
CA LEU A 98 14.05 -15.73 -13.85
C LEU A 98 14.15 -15.43 -12.37
N THR A 99 15.35 -15.44 -11.80
CA THR A 99 15.51 -15.16 -10.38
C THR A 99 15.25 -13.70 -10.03
N SER A 100 15.23 -12.82 -11.03
CA SER A 100 14.87 -11.43 -10.78
C SER A 100 13.37 -11.25 -10.62
N LEU A 101 12.57 -12.22 -11.05
CA LEU A 101 11.13 -12.13 -10.90
C LEU A 101 10.72 -12.35 -9.45
N SER A 102 9.64 -11.69 -9.06
CA SER A 102 9.15 -11.76 -7.69
C SER A 102 7.64 -11.66 -7.68
N PHE A 103 7.04 -12.36 -6.73
CA PHE A 103 5.62 -12.25 -6.43
C PHE A 103 5.47 -11.72 -5.01
N THR A 104 4.31 -11.14 -4.72
CA THR A 104 3.99 -10.66 -3.39
C THR A 104 2.72 -11.36 -2.91
N CYS A 105 2.81 -12.01 -1.75
CA CYS A 105 1.64 -12.67 -1.17
C CYS A 105 0.58 -11.64 -0.82
N LYS A 106 -0.61 -11.79 -1.40
CA LYS A 106 -1.69 -10.85 -1.18
C LYS A 106 -2.72 -11.41 -0.21
N GLU A 107 -3.54 -12.37 -0.66
CA GLU A 107 -4.61 -12.91 0.14
C GLU A 107 -4.61 -14.43 0.07
N VAL A 108 -5.15 -15.05 1.11
CA VAL A 108 -5.29 -16.51 1.17
C VAL A 108 -6.68 -16.87 0.63
N ILE A 109 -6.72 -17.78 -0.33
CA ILE A 109 -7.95 -18.15 -1.00
C ILE A 109 -8.09 -19.67 -0.94
N CYS A 110 -9.28 -20.14 -0.58
CA CYS A 110 -9.65 -21.54 -0.70
C CYS A 110 -10.47 -21.68 -1.98
N PHE A 111 -9.84 -22.20 -3.03
CA PHE A 111 -10.54 -22.37 -4.30
C PHE A 111 -11.78 -23.23 -4.10
N PRO A 112 -12.80 -23.05 -4.93
CA PRO A 112 -13.93 -23.98 -4.91
C PRO A 112 -13.47 -25.38 -5.33
N GLN A 113 -14.20 -26.38 -4.87
CA GLN A 113 -13.92 -27.75 -5.27
C GLN A 113 -14.18 -27.91 -6.75
N SER A 114 -13.18 -28.40 -7.49
CA SER A 114 -13.37 -28.62 -8.92
C SER A 114 -14.33 -29.79 -9.13
N ARG A 115 -15.29 -29.60 -10.04
CA ARG A 115 -16.24 -30.67 -10.31
C ARG A 115 -15.55 -31.90 -10.88
N ALA A 116 -14.45 -31.70 -11.62
CA ALA A 116 -13.73 -32.83 -12.19
C ALA A 116 -13.19 -33.75 -11.11
N SER A 117 -12.59 -33.17 -10.06
CA SER A 117 -12.09 -33.99 -8.97
C SER A 117 -13.21 -34.63 -8.17
N LYS A 118 -14.27 -33.86 -7.87
CA LYS A 118 -15.38 -34.41 -7.10
C LYS A 118 -16.00 -35.61 -7.79
N GLU A 119 -16.14 -35.55 -9.13
CA GLU A 119 -16.74 -36.67 -9.85
C GLU A 119 -15.81 -37.88 -9.86
N LEU A 120 -14.51 -37.67 -9.67
CA LEU A 120 -13.57 -38.78 -9.56
C LEU A 120 -13.43 -39.29 -8.12
N GLY A 121 -14.28 -38.81 -7.21
CA GLY A 121 -14.28 -39.29 -5.84
C GLY A 121 -13.48 -38.47 -4.86
N ALA A 122 -13.06 -37.29 -5.22
CA ALA A 122 -12.27 -36.47 -4.34
C ALA A 122 -13.11 -35.59 -3.45
N ASN A 123 -12.59 -35.34 -2.26
CA ASN A 123 -13.24 -34.53 -1.26
C ASN A 123 -12.39 -33.37 -0.79
N GLY A 124 -11.50 -32.88 -1.65
CA GLY A 124 -10.64 -31.81 -1.27
C GLY A 124 -10.78 -30.45 -1.90
N ARG A 125 -10.36 -29.43 -1.16
CA ARG A 125 -10.31 -28.08 -1.68
C ARG A 125 -8.91 -27.53 -1.46
N ALA A 126 -8.44 -26.73 -2.41
CA ALA A 126 -7.09 -26.18 -2.35
C ALA A 126 -7.09 -24.84 -1.63
N VAL A 127 -6.25 -24.74 -0.61
CA VAL A 127 -5.96 -23.46 0.04
C VAL A 127 -4.69 -22.90 -0.58
N VAL A 128 -4.79 -21.70 -1.16
CA VAL A 128 -3.68 -21.13 -1.91
C VAL A 128 -3.43 -19.71 -1.42
N MET A 129 -2.22 -19.23 -1.67
CA MET A 129 -1.85 -17.84 -1.45
C MET A 129 -1.90 -17.13 -2.80
N LYS A 130 -2.90 -16.27 -2.98
CA LYS A 130 -2.96 -15.46 -4.19
C LYS A 130 -1.78 -14.49 -4.23
N LEU A 131 -1.14 -14.40 -5.39
CA LEU A 131 0.05 -13.58 -5.56
C LEU A 131 -0.23 -12.41 -6.48
N GLU A 132 0.48 -11.31 -6.25
CA GLU A 132 0.54 -10.21 -7.20
C GLU A 132 1.74 -10.42 -8.11
N ALA A 133 1.49 -10.51 -9.41
CA ALA A 133 2.53 -10.77 -10.39
C ALA A 133 2.95 -9.47 -11.07
N SER A 134 4.24 -9.34 -11.34
CA SER A 134 4.74 -8.18 -12.05
C SER A 134 4.37 -8.27 -13.54
N ASP A 135 4.49 -7.14 -14.22
CA ASP A 135 4.27 -7.14 -15.67
C ASP A 135 5.23 -8.08 -16.37
N ASP A 136 6.44 -8.26 -15.83
CA ASP A 136 7.39 -9.18 -16.43
C ASP A 136 6.86 -10.61 -16.39
N VAL A 137 6.21 -11.00 -15.30
CA VAL A 137 5.64 -12.35 -15.23
C VAL A 137 4.44 -12.47 -16.16
N LYS A 138 3.56 -11.47 -16.15
CA LYS A 138 2.41 -11.51 -17.04
C LYS A 138 2.84 -11.60 -18.49
N ALA A 139 3.83 -10.78 -18.88
CA ALA A 139 4.34 -10.82 -20.25
C ALA A 139 5.00 -12.17 -20.55
N LEU A 140 5.78 -12.68 -19.61
CA LEU A 140 6.40 -14.00 -19.80
C LEU A 140 5.35 -15.06 -20.08
N ARG A 141 4.23 -15.02 -19.36
CA ARG A 141 3.18 -16.02 -19.55
C ARG A 141 2.47 -15.83 -20.88
N ASN A 142 2.16 -14.59 -21.25
CA ASN A 142 1.51 -14.35 -22.53
C ASN A 142 2.36 -14.85 -23.69
N VAL A 143 3.64 -14.49 -23.69
CA VAL A 143 4.52 -14.92 -24.79
C VAL A 143 4.69 -16.44 -24.77
N LEU A 144 4.69 -17.04 -23.57
CA LEU A 144 4.71 -18.49 -23.49
C LEU A 144 3.55 -19.09 -24.27
N PHE A 145 2.34 -18.59 -24.04
CA PHE A 145 1.16 -19.06 -24.75
C PHE A 145 1.23 -18.76 -26.24
N ASN A 146 2.04 -17.78 -26.64
CA ASN A 146 2.22 -17.47 -28.05
C ASN A 146 3.14 -18.46 -28.74
N VAL A 147 4.14 -18.96 -28.02
CA VAL A 147 5.07 -19.93 -28.57
C VAL A 147 4.60 -21.37 -28.33
N VAL A 148 4.04 -21.65 -27.15
CA VAL A 148 3.66 -22.99 -26.76
C VAL A 148 2.13 -23.05 -26.70
N PRO A 149 1.47 -23.72 -27.64
CA PRO A 149 0.01 -23.86 -27.56
C PRO A 149 -0.42 -24.47 -26.24
N THR A 150 -1.30 -23.78 -25.53
CA THR A 150 -1.73 -24.17 -24.20
C THR A 150 -3.26 -24.15 -24.13
N PRO A 151 -3.89 -25.18 -23.59
CA PRO A 151 -5.34 -25.16 -23.42
C PRO A 151 -5.80 -23.89 -22.71
N ARG A 152 -6.82 -23.24 -23.23
CA ARG A 152 -7.36 -22.07 -22.58
C ARG A 152 -7.96 -22.44 -21.24
N ASP A 153 -7.65 -21.66 -20.23
CA ASP A 153 -8.18 -21.94 -18.92
C ASP A 153 -9.64 -21.76 -18.83
N ILE A 154 -10.35 -22.70 -18.27
CA ILE A 154 -11.76 -22.51 -18.06
C ILE A 154 -12.11 -22.95 -16.65
N PHE A 155 -11.89 -22.08 -15.69
CA PHE A 155 -12.19 -22.44 -14.32
C PHE A 155 -13.63 -22.14 -13.87
N GLY A 156 -14.36 -21.37 -14.64
CA GLY A 156 -15.75 -21.05 -14.38
C GLY A 156 -16.73 -21.46 -15.45
N PRO A 157 -17.77 -20.66 -15.64
CA PRO A 157 -18.72 -20.88 -16.71
C PRO A 157 -17.98 -20.70 -18.04
N VAL A 158 -18.34 -21.53 -19.00
CA VAL A 158 -17.64 -21.60 -20.27
C VAL A 158 -17.67 -20.27 -21.02
N LEU A 159 -18.67 -19.43 -20.75
CA LEU A 159 -18.79 -18.15 -21.43
C LEU A 159 -17.88 -17.08 -20.85
N SER A 160 -17.40 -17.25 -19.62
CA SER A 160 -16.60 -16.24 -18.96
C SER A 160 -15.16 -16.24 -19.50
N ASP A 161 -14.56 -15.05 -19.51
CA ASP A 161 -13.15 -14.95 -19.89
C ASP A 161 -12.28 -15.24 -18.67
N PRO A 162 -11.19 -16.00 -18.86
CA PRO A 162 -10.37 -16.40 -17.70
C PRO A 162 -9.57 -15.23 -17.15
N VAL A 163 -9.61 -15.08 -15.83
CA VAL A 163 -8.77 -14.13 -15.11
C VAL A 163 -7.69 -14.94 -14.40
N TRP A 164 -6.46 -14.82 -14.88
CA TRP A 164 -5.36 -15.55 -14.26
C TRP A 164 -5.24 -15.17 -12.78
N CYS A 165 -5.27 -16.19 -11.92
CA CYS A 165 -5.05 -16.02 -10.49
C CYS A 165 -3.69 -16.62 -10.15
N PRO A 166 -2.60 -15.88 -10.31
CA PRO A 166 -1.30 -16.42 -9.90
C PRO A 166 -1.33 -16.75 -8.42
N HIS A 167 -0.88 -17.97 -8.10
CA HIS A 167 -0.99 -18.44 -6.73
C HIS A 167 0.06 -19.51 -6.48
N VAL A 168 0.39 -19.68 -5.20
CA VAL A 168 1.18 -20.80 -4.73
C VAL A 168 0.26 -21.62 -3.83
N THR A 169 -0.07 -22.83 -4.27
CA THR A 169 -0.92 -23.70 -3.48
C THR A 169 -0.18 -24.17 -2.23
N ILE A 170 -0.82 -24.03 -1.08
CA ILE A 170 -0.21 -24.44 0.18
C ILE A 170 -0.60 -25.85 0.56
N GLY A 171 -1.87 -26.20 0.47
CA GLY A 171 -2.29 -27.54 0.79
C GLY A 171 -3.77 -27.73 0.51
N TYR A 172 -4.15 -29.00 0.38
CA TYR A 172 -5.53 -29.40 0.18
C TYR A 172 -6.11 -29.89 1.49
N VAL A 173 -7.36 -29.52 1.76
CA VAL A 173 -8.08 -29.94 2.96
C VAL A 173 -9.44 -30.46 2.54
N ARG A 174 -10.08 -31.20 3.45
CA ARG A 174 -11.40 -31.73 3.18
C ARG A 174 -12.39 -30.60 2.93
N ALA A 175 -13.30 -30.82 2.03
CA ALA A 175 -14.29 -29.82 1.70
C ALA A 175 -15.44 -29.81 2.67
N ASP A 176 -15.39 -30.71 3.62
CA ASP A 176 -16.43 -30.86 4.63
C ASP A 176 -15.98 -30.69 6.07
N ASP A 177 -15.04 -29.81 6.32
CA ASP A 177 -14.59 -29.57 7.66
C ASP A 177 -14.20 -28.15 7.70
N GLU A 178 -15.18 -27.33 8.01
CA GLU A 178 -15.02 -25.87 8.00
C GLU A 178 -14.04 -25.41 9.07
N ASP A 179 -14.15 -25.94 10.28
CA ASP A 179 -13.22 -25.56 11.36
C ASP A 179 -11.78 -25.74 10.92
N ASN A 180 -11.47 -26.91 10.35
CA ASN A 180 -10.11 -27.14 9.85
C ASN A 180 -9.75 -26.15 8.75
N LYS A 181 -10.68 -25.90 7.83
CA LYS A 181 -10.40 -24.97 6.74
C LYS A 181 -10.12 -23.57 7.26
N ASN A 182 -10.98 -23.07 8.15
CA ASN A 182 -10.82 -21.71 8.65
C ASN A 182 -9.53 -21.57 9.45
N SER A 183 -9.23 -22.53 10.32
CA SER A 183 -7.97 -22.46 11.08
C SER A 183 -6.77 -22.44 10.14
N PHE A 184 -6.81 -23.23 9.08
CA PHE A 184 -5.72 -23.23 8.10
C PHE A 184 -5.56 -21.85 7.48
N ILE A 185 -6.66 -21.29 6.98
CA ILE A 185 -6.60 -19.96 6.34
C ILE A 185 -6.02 -18.94 7.30
N GLU A 186 -6.50 -18.94 8.56
CA GLU A 186 -5.99 -17.99 9.55
C GLU A 186 -4.48 -18.09 9.68
N LEU A 187 -3.97 -19.31 9.84
CA LEU A 187 -2.53 -19.49 9.99
C LEU A 187 -1.78 -19.05 8.73
N ALA A 188 -2.33 -19.36 7.55
CA ALA A 188 -1.65 -18.98 6.31
C ALA A 188 -1.65 -17.47 6.12
N GLU A 189 -2.67 -16.81 6.62
CA GLU A 189 -2.83 -15.36 6.52
C GLU A 189 -1.69 -14.59 7.17
N ALA A 190 -0.97 -15.21 8.07
CA ALA A 190 0.17 -14.57 8.71
C ALA A 190 1.28 -14.21 7.74
N PHE A 191 1.43 -14.97 6.66
CA PHE A 191 2.42 -14.78 5.66
C PHE A 191 2.05 -13.76 4.60
N ARG A 192 0.89 -13.15 4.70
CA ARG A 192 0.51 -12.16 3.73
C ARG A 192 1.49 -11.00 3.68
N GLY A 193 1.77 -10.57 2.48
CA GLY A 193 2.68 -9.50 2.28
C GLY A 193 4.10 -9.92 2.04
N SER A 194 4.39 -11.18 2.27
CA SER A 194 5.70 -11.71 2.00
C SER A 194 6.03 -11.70 0.51
N LYS A 195 7.30 -11.66 0.22
CA LYS A 195 7.77 -11.70 -1.16
C LYS A 195 8.34 -13.07 -1.47
N ILE A 196 7.90 -13.64 -2.60
CA ILE A 196 8.35 -14.96 -3.05
C ILE A 196 9.33 -14.78 -4.20
N LYS A 197 10.49 -15.42 -4.08
CA LYS A 197 11.52 -15.36 -5.12
C LYS A 197 11.46 -16.58 -6.03
N VAL A 198 11.65 -16.34 -7.32
CA VAL A 198 11.63 -17.39 -8.33
C VAL A 198 13.03 -17.99 -8.42
N ILE A 199 13.10 -19.31 -8.50
CA ILE A 199 14.39 -20.00 -8.60
C ILE A 199 14.64 -20.42 -10.04
N GLY A 200 13.59 -20.75 -10.76
CA GLY A 200 13.72 -21.19 -12.13
C GLY A 200 12.50 -21.99 -12.57
N TRP A 201 12.63 -22.61 -13.73
CA TRP A 201 11.54 -23.40 -14.27
C TRP A 201 11.32 -24.66 -13.45
N CYS A 202 10.05 -25.04 -13.28
CA CYS A 202 9.75 -26.34 -12.69
C CYS A 202 10.28 -27.45 -13.60
N GLU A 203 10.97 -28.42 -13.00
CA GLU A 203 11.55 -29.50 -13.78
C GLU A 203 10.87 -30.82 -13.46
N THR B 3 -34.86 24.98 11.17
CA THR B 3 -35.56 25.95 11.99
C THR B 3 -36.21 25.23 13.14
N THR B 4 -36.96 24.16 12.86
CA THR B 4 -37.56 23.41 13.97
C THR B 4 -36.50 22.63 14.68
N ILE B 5 -36.75 22.35 15.93
CA ILE B 5 -35.79 21.61 16.74
C ILE B 5 -35.55 20.22 16.14
N GLN B 6 -36.61 19.54 15.71
CA GLN B 6 -36.44 18.21 15.13
C GLN B 6 -35.70 18.28 13.80
N LYS B 7 -35.90 19.36 13.03
CA LYS B 7 -35.11 19.54 11.82
C LYS B 7 -33.63 19.73 12.17
N GLU B 8 -33.35 20.49 13.22
CA GLU B 8 -31.96 20.65 13.66
C GLU B 8 -31.39 19.31 14.11
N LEU B 9 -32.19 18.50 14.79
CA LEU B 9 -31.72 17.19 15.24
C LEU B 9 -31.52 16.24 14.06
N GLU B 10 -32.42 16.28 13.08
CA GLU B 10 -32.24 15.45 11.90
C GLU B 10 -30.95 15.80 11.16
N ASN B 11 -30.63 17.09 11.09
CA ASN B 11 -29.36 17.49 10.49
C ASN B 11 -28.19 16.91 11.27
N ILE B 12 -28.28 16.88 12.59
CA ILE B 12 -27.20 16.33 13.41
C ILE B 12 -27.03 14.84 13.14
N VAL B 13 -28.15 14.13 12.93
CA VAL B 13 -28.07 12.71 12.63
C VAL B 13 -27.31 12.48 11.33
N VAL B 14 -27.59 13.29 10.32
CA VAL B 14 -26.89 13.14 9.05
C VAL B 14 -25.41 13.45 9.20
N LYS B 15 -25.08 14.53 9.91
CA LYS B 15 -23.67 14.87 10.13
C LYS B 15 -22.93 13.71 10.79
N GLU B 16 -23.52 13.13 11.84
CA GLU B 16 -22.83 12.08 12.59
C GLU B 16 -22.46 10.90 11.69
N ARG B 17 -23.32 10.57 10.74
CA ARG B 17 -23.00 9.50 9.80
C ARG B 17 -21.69 9.78 9.08
N GLN B 18 -21.54 11.01 8.64
CA GLN B 18 -20.38 11.39 7.90
C GLN B 18 -19.28 11.70 8.81
N ASN B 19 -19.02 10.82 9.74
CA ASN B 19 -17.93 11.01 10.64
C ASN B 19 -17.05 9.82 10.59
N LYS B 20 -15.75 10.02 10.68
CA LYS B 20 -14.88 8.89 10.62
C LYS B 20 -15.04 8.05 11.86
N LYS B 21 -15.45 6.80 11.71
CA LYS B 21 -15.65 5.97 12.90
C LYS B 21 -14.78 4.71 13.04
N ASP B 22 -14.09 4.62 14.17
CA ASP B 22 -13.30 3.49 14.47
C ASP B 22 -14.20 2.61 15.33
N THR B 23 -14.62 1.49 14.82
CA THR B 23 -15.50 0.63 15.56
C THR B 23 -15.07 -0.79 15.76
N ILE B 24 -15.80 -1.49 16.60
CA ILE B 24 -15.58 -2.88 16.88
C ILE B 24 -16.89 -3.62 16.77
N LEU B 25 -16.80 -4.88 16.40
CA LEU B 25 -17.93 -5.71 16.21
C LEU B 25 -18.15 -6.65 17.34
N MET B 26 -19.35 -6.66 17.87
CA MET B 26 -19.71 -7.53 18.96
C MET B 26 -20.63 -8.58 18.40
N GLY B 27 -20.12 -9.78 18.29
CA GLY B 27 -20.81 -10.86 17.68
C GLY B 27 -20.54 -12.21 18.23
N LEU B 28 -21.38 -13.12 17.82
CA LEU B 28 -21.25 -14.49 18.23
C LEU B 28 -20.91 -15.46 17.12
N LYS B 29 -19.92 -16.30 17.34
CA LYS B 29 -19.64 -17.38 16.40
C LYS B 29 -20.74 -18.42 16.49
N VAL B 30 -21.19 -18.90 15.34
CA VAL B 30 -22.23 -19.87 15.29
C VAL B 30 -21.87 -21.08 14.45
N GLU B 31 -22.70 -22.10 14.56
CA GLU B 31 -22.59 -23.29 13.78
C GLU B 31 -23.76 -23.29 12.82
N VAL B 32 -23.51 -23.37 11.54
CA VAL B 32 -24.58 -23.39 10.59
C VAL B 32 -24.98 -24.79 10.20
N PRO B 33 -26.24 -24.99 9.86
CA PRO B 33 -26.72 -26.30 9.49
C PRO B 33 -26.40 -26.71 8.08
N TRP B 34 -26.11 -25.80 7.19
CA TRP B 34 -25.77 -26.14 5.83
C TRP B 34 -24.27 -26.39 5.70
N ASN B 35 -23.91 -27.19 4.70
CA ASN B 35 -22.53 -27.53 4.42
C ASN B 35 -22.18 -27.13 3.00
N TYR B 36 -20.87 -27.11 2.71
CA TYR B 36 -20.41 -26.73 1.37
C TYR B 36 -21.07 -27.58 0.30
N CYS B 37 -21.18 -28.89 0.54
CA CYS B 37 -21.75 -29.79 -0.46
C CYS B 37 -23.20 -29.46 -0.77
N ASP B 38 -23.88 -28.69 0.08
CA ASP B 38 -25.27 -28.34 -0.19
C ASP B 38 -25.41 -27.41 -1.39
N TRP B 39 -24.35 -26.73 -1.75
CA TRP B 39 -24.40 -25.78 -2.81
C TRP B 39 -23.67 -26.24 -4.06
N ALA B 40 -23.67 -27.53 -4.30
CA ALA B 40 -22.89 -28.12 -5.38
C ALA B 40 -23.12 -27.57 -6.75
N SER B 41 -24.36 -27.35 -7.09
CA SER B 41 -24.74 -26.75 -8.36
C SER B 41 -24.46 -25.27 -8.51
N ILE B 42 -24.32 -24.64 -7.38
CA ILE B 42 -24.16 -23.23 -7.34
C ILE B 42 -22.77 -22.74 -7.64
N SER B 43 -22.78 -21.76 -8.49
CA SER B 43 -21.60 -21.04 -8.82
C SER B 43 -21.55 -19.87 -7.82
N PHE B 44 -20.38 -19.50 -7.35
CA PHE B 44 -20.23 -18.42 -6.37
C PHE B 44 -19.29 -17.36 -6.86
N TYR B 45 -19.50 -16.17 -6.36
CA TYR B 45 -18.72 -15.02 -6.70
C TYR B 45 -17.70 -14.66 -5.64
N ASP B 46 -16.44 -14.79 -5.99
CA ASP B 46 -15.30 -14.45 -5.14
C ASP B 46 -14.60 -13.26 -5.77
N VAL B 47 -14.78 -12.07 -5.18
CA VAL B 47 -14.23 -10.86 -5.76
C VAL B 47 -12.72 -10.97 -5.92
N ARG B 48 -12.06 -11.80 -5.10
CA ARG B 48 -10.62 -11.96 -5.18
C ARG B 48 -10.18 -12.65 -6.47
N LEU B 49 -11.09 -13.33 -7.16
CA LEU B 49 -10.77 -14.00 -8.41
C LEU B 49 -11.21 -13.19 -9.63
N GLU B 50 -11.76 -11.99 -9.42
CA GLU B 50 -12.28 -11.17 -10.50
C GLU B 50 -11.25 -10.13 -10.94
N SER B 51 -11.48 -9.57 -12.11
CA SER B 51 -10.68 -8.47 -12.64
C SER B 51 -11.49 -7.19 -12.62
N GLY B 52 -10.80 -6.07 -12.87
CA GLY B 52 -11.45 -4.78 -12.89
C GLY B 52 -11.90 -4.26 -11.54
N ILE B 53 -11.46 -4.86 -10.45
CA ILE B 53 -11.81 -4.38 -9.12
C ILE B 53 -10.90 -3.21 -8.76
N LEU B 54 -11.51 -2.07 -8.43
CA LEU B 54 -10.72 -0.86 -8.22
C LEU B 54 -10.02 -0.85 -6.87
N ASP B 55 -10.65 -1.41 -5.84
CA ASP B 55 -10.07 -1.39 -4.48
C ASP B 55 -10.43 -2.72 -3.81
N MET B 56 -9.45 -3.62 -3.74
CA MET B 56 -9.69 -4.92 -3.12
C MET B 56 -9.77 -4.82 -1.59
N GLU B 57 -9.04 -3.89 -0.99
CA GLU B 57 -9.04 -3.74 0.47
C GLU B 57 -10.25 -2.99 1.00
N SER B 58 -11.05 -2.39 0.11
CA SER B 58 -12.22 -1.64 0.57
C SER B 58 -13.18 -2.56 1.33
N ILE B 59 -13.85 -1.99 2.34
CA ILE B 59 -14.84 -2.74 3.08
C ILE B 59 -16.04 -3.09 2.21
N ALA B 60 -16.18 -2.43 1.06
CA ALA B 60 -17.34 -2.64 0.21
C ALA B 60 -17.26 -3.93 -0.59
N VAL B 61 -16.08 -4.55 -0.71
CA VAL B 61 -15.94 -5.73 -1.55
C VAL B 61 -15.10 -6.79 -0.86
N LYS B 62 -14.32 -6.39 0.14
CA LYS B 62 -13.37 -7.32 0.76
C LYS B 62 -14.05 -8.55 1.32
N TYR B 63 -15.32 -8.45 1.69
CA TYR B 63 -16.04 -9.55 2.31
C TYR B 63 -16.76 -10.44 1.30
N MET B 64 -16.60 -10.19 0.01
CA MET B 64 -17.30 -10.97 -1.02
C MET B 64 -16.43 -12.16 -1.42
N THR B 65 -16.38 -13.14 -0.52
CA THR B 65 -15.52 -14.31 -0.71
C THR B 65 -16.32 -15.56 -0.98
N GLY B 66 -17.08 -15.56 -2.08
CA GLY B 66 -17.82 -16.76 -2.48
C GLY B 66 -18.72 -17.25 -1.36
N CYS B 67 -18.64 -18.54 -1.06
CA CYS B 67 -19.38 -19.13 0.04
C CYS B 67 -18.50 -19.41 1.25
N ASP B 68 -17.28 -18.89 1.28
CA ASP B 68 -16.39 -19.01 2.43
C ASP B 68 -16.63 -17.81 3.34
N ILE B 69 -17.65 -17.92 4.17
CA ILE B 69 -18.10 -16.85 5.06
C ILE B 69 -17.83 -17.26 6.49
N PRO B 70 -17.21 -16.41 7.31
CA PRO B 70 -17.06 -16.73 8.73
C PRO B 70 -18.42 -16.85 9.40
N PRO B 71 -18.69 -17.98 10.05
CA PRO B 71 -20.01 -18.16 10.67
C PRO B 71 -20.21 -17.27 11.88
N HIS B 72 -20.53 -16.00 11.65
CA HIS B 72 -20.74 -15.02 12.71
C HIS B 72 -22.12 -14.41 12.57
N VAL B 73 -22.69 -14.03 13.71
CA VAL B 73 -23.92 -13.23 13.76
C VAL B 73 -23.63 -12.02 14.64
N THR B 74 -23.73 -10.83 14.05
CA THR B 74 -23.44 -9.61 14.78
C THR B 74 -24.59 -9.26 15.72
N LEU B 75 -24.26 -8.90 16.97
CA LEU B 75 -25.24 -8.38 17.91
C LEU B 75 -25.26 -6.85 17.90
N GLY B 76 -24.10 -6.22 17.76
CA GLY B 76 -24.03 -4.77 17.72
C GLY B 76 -22.65 -4.31 17.30
N ILE B 77 -22.59 -3.03 16.94
CA ILE B 77 -21.35 -2.36 16.56
C ILE B 77 -21.19 -1.13 17.43
N THR B 78 -20.04 -1.02 18.10
CA THR B 78 -19.79 0.13 18.95
C THR B 78 -18.38 0.65 18.68
N ASN B 79 -18.04 1.76 19.36
CA ASN B 79 -16.78 2.41 19.09
C ASN B 79 -15.63 1.64 19.70
N LYS B 80 -14.47 1.80 19.12
CA LYS B 80 -13.27 1.08 19.52
C LYS B 80 -12.91 1.28 20.96
N ASP B 81 -13.28 2.43 21.50
CA ASP B 81 -13.00 2.77 22.87
C ASP B 81 -13.84 2.05 23.94
N GLN B 82 -14.85 1.31 23.51
CA GLN B 82 -15.67 0.51 24.34
C GLN B 82 -15.14 -0.90 24.46
N GLU B 83 -13.99 -1.19 23.91
CA GLU B 83 -13.48 -2.54 23.92
C GLU B 83 -13.32 -3.11 25.29
N ALA B 84 -12.84 -2.33 26.24
CA ALA B 84 -12.70 -2.80 27.60
C ALA B 84 -14.04 -3.16 28.22
N ASN B 85 -15.04 -2.35 27.96
CA ASN B 85 -16.37 -2.63 28.44
C ASN B 85 -16.89 -3.95 27.83
N PHE B 86 -16.64 -4.17 26.56
CA PHE B 86 -17.02 -5.39 25.89
C PHE B 86 -16.31 -6.56 26.52
N GLN B 87 -15.03 -6.40 26.82
CA GLN B 87 -14.27 -7.44 27.47
C GLN B 87 -14.83 -7.72 28.84
N ARG B 88 -15.20 -6.70 29.58
CA ARG B 88 -15.82 -6.90 30.88
C ARG B 88 -17.10 -7.74 30.75
N PHE B 89 -17.96 -7.42 29.78
CA PHE B 89 -19.21 -8.16 29.60
C PHE B 89 -18.94 -9.64 29.35
N LYS B 90 -17.93 -9.95 28.53
CA LYS B 90 -17.58 -11.35 28.29
C LYS B 90 -17.30 -12.07 29.60
N GLU B 91 -16.52 -11.44 30.48
CA GLU B 91 -16.21 -12.06 31.76
C GLU B 91 -17.45 -12.13 32.65
N LEU B 92 -18.30 -11.11 32.60
CA LEU B 92 -19.50 -11.11 33.43
C LEU B 92 -20.44 -12.24 33.06
N THR B 93 -20.46 -12.64 31.79
CA THR B 93 -21.32 -13.70 31.31
C THR B 93 -20.64 -15.07 31.33
N ARG B 94 -19.60 -15.21 32.14
CA ARG B 94 -18.88 -16.45 32.22
C ARG B 94 -19.71 -17.62 32.70
N ASN B 95 -20.73 -17.36 33.48
CA ASN B 95 -21.58 -18.40 34.04
C ASN B 95 -22.80 -18.69 33.17
N ILE B 96 -22.86 -18.11 31.96
CA ILE B 96 -23.95 -18.37 31.02
C ILE B 96 -23.45 -19.35 29.98
N ASP B 97 -24.20 -20.44 29.78
CA ASP B 97 -23.86 -21.43 28.76
C ASP B 97 -24.27 -20.89 27.40
N LEU B 98 -23.32 -20.25 26.72
CA LEU B 98 -23.62 -19.66 25.43
C LEU B 98 -24.03 -20.69 24.39
N THR B 99 -23.63 -21.95 24.57
CA THR B 99 -23.97 -22.99 23.61
C THR B 99 -25.45 -23.37 23.64
N SER B 100 -26.20 -22.93 24.65
CA SER B 100 -27.63 -23.16 24.66
C SER B 100 -28.41 -22.12 23.85
N LEU B 101 -27.76 -21.04 23.45
CA LEU B 101 -28.39 -20.00 22.64
C LEU B 101 -28.50 -20.47 21.19
N SER B 102 -29.47 -19.89 20.48
CA SER B 102 -29.66 -20.25 19.08
C SER B 102 -30.47 -19.18 18.38
N PHE B 103 -30.43 -19.23 17.05
CA PHE B 103 -31.33 -18.49 16.17
C PHE B 103 -32.14 -19.50 15.36
N THR B 104 -33.26 -19.04 14.80
CA THR B 104 -34.07 -19.83 13.89
C THR B 104 -34.05 -19.16 12.52
N CYS B 105 -33.74 -19.93 11.49
CA CYS B 105 -33.72 -19.39 10.14
C CYS B 105 -35.12 -18.96 9.73
N LYS B 106 -35.27 -17.66 9.44
CA LYS B 106 -36.57 -17.09 9.16
C LYS B 106 -36.87 -17.04 7.66
N GLU B 107 -35.97 -16.45 6.86
CA GLU B 107 -36.17 -16.38 5.43
C GLU B 107 -34.85 -16.08 4.75
N VAL B 108 -34.80 -16.33 3.46
CA VAL B 108 -33.63 -16.08 2.64
C VAL B 108 -33.84 -14.82 1.83
N ILE B 109 -32.88 -13.95 1.86
CA ILE B 109 -32.91 -12.68 1.21
C ILE B 109 -31.62 -12.42 0.45
N CYS B 110 -31.70 -11.92 -0.77
CA CYS B 110 -30.52 -11.57 -1.51
C CYS B 110 -30.49 -10.07 -1.55
N PHE B 111 -29.60 -9.44 -0.81
CA PHE B 111 -29.51 -7.99 -0.72
C PHE B 111 -29.23 -7.39 -2.09
N PRO B 112 -29.79 -6.23 -2.40
CA PRO B 112 -29.44 -5.55 -3.66
C PRO B 112 -27.95 -5.27 -3.74
N GLN B 113 -27.42 -5.14 -4.94
CA GLN B 113 -26.01 -4.83 -5.11
C GLN B 113 -25.69 -3.52 -4.43
N SER B 114 -24.68 -3.49 -3.59
CA SER B 114 -24.36 -2.26 -2.89
C SER B 114 -23.77 -1.21 -3.81
N ARG B 115 -24.04 0.05 -3.51
CA ARG B 115 -23.53 1.12 -4.33
C ARG B 115 -22.03 1.25 -4.32
N ALA B 116 -21.44 1.16 -3.14
CA ALA B 116 -20.01 1.25 -3.01
C ALA B 116 -19.31 0.14 -3.73
N SER B 117 -19.86 -1.06 -3.70
CA SER B 117 -19.23 -2.17 -4.36
C SER B 117 -19.33 -2.06 -5.88
N LYS B 118 -20.50 -1.69 -6.37
CA LYS B 118 -20.74 -1.54 -7.80
C LYS B 118 -19.77 -0.53 -8.41
N GLU B 119 -19.58 0.62 -7.75
CA GLU B 119 -18.66 1.63 -8.26
C GLU B 119 -17.23 1.13 -8.31
N LEU B 120 -16.92 0.12 -7.51
CA LEU B 120 -15.61 -0.47 -7.46
C LEU B 120 -15.46 -1.58 -8.47
N GLY B 121 -16.43 -1.73 -9.33
CA GLY B 121 -16.37 -2.74 -10.33
C GLY B 121 -16.84 -4.15 -9.98
N ALA B 122 -17.25 -4.34 -8.74
CA ALA B 122 -17.74 -5.61 -8.27
C ALA B 122 -19.09 -5.98 -8.86
N ASN B 123 -19.33 -7.26 -8.97
CA ASN B 123 -20.55 -7.76 -9.50
C ASN B 123 -21.21 -8.74 -8.60
N GLY B 124 -21.12 -8.53 -7.30
CA GLY B 124 -21.72 -9.49 -6.41
C GLY B 124 -22.80 -9.06 -5.47
N ARG B 125 -23.69 -9.99 -5.15
CA ARG B 125 -24.76 -9.76 -4.20
C ARG B 125 -24.74 -10.80 -3.09
N ALA B 126 -24.98 -10.34 -1.89
CA ALA B 126 -25.02 -11.21 -0.76
C ALA B 126 -26.36 -11.93 -0.55
N VAL B 127 -26.28 -13.22 -0.44
CA VAL B 127 -27.45 -14.02 -0.10
C VAL B 127 -27.35 -14.38 1.37
N VAL B 128 -28.31 -13.90 2.17
CA VAL B 128 -28.25 -14.05 3.61
C VAL B 128 -29.50 -14.78 4.08
N MET B 129 -29.37 -15.42 5.24
CA MET B 129 -30.51 -16.02 5.93
C MET B 129 -30.93 -15.09 7.05
N LYS B 130 -32.10 -14.48 6.91
CA LYS B 130 -32.65 -13.71 8.02
C LYS B 130 -32.91 -14.63 9.20
N LEU B 131 -32.66 -14.12 10.40
CA LEU B 131 -32.71 -14.94 11.60
C LEU B 131 -33.67 -14.33 12.62
N GLU B 132 -34.31 -15.21 13.40
CA GLU B 132 -35.04 -14.82 14.58
C GLU B 132 -34.27 -15.31 15.79
N ALA B 133 -33.81 -14.38 16.62
CA ALA B 133 -33.05 -14.75 17.81
C ALA B 133 -33.96 -15.34 18.87
N SER B 134 -33.46 -16.32 19.61
CA SER B 134 -34.21 -16.82 20.76
C SER B 134 -34.33 -15.73 21.81
N ASP B 135 -35.30 -15.90 22.71
CA ASP B 135 -35.48 -14.93 23.78
C ASP B 135 -34.21 -14.75 24.60
N ASP B 136 -33.48 -15.84 24.84
CA ASP B 136 -32.23 -15.73 25.60
C ASP B 136 -31.19 -14.91 24.84
N VAL B 137 -31.12 -15.08 23.52
CA VAL B 137 -30.20 -14.27 22.72
C VAL B 137 -30.60 -12.81 22.79
N LYS B 138 -31.89 -12.52 22.61
CA LYS B 138 -32.35 -11.14 22.71
C LYS B 138 -32.04 -10.55 24.08
N ALA B 139 -32.23 -11.34 25.14
CA ALA B 139 -31.88 -10.86 26.48
C ALA B 139 -30.38 -10.58 26.59
N LEU B 140 -29.56 -11.47 26.04
CA LEU B 140 -28.11 -11.27 26.07
C LEU B 140 -27.73 -9.97 25.37
N ARG B 141 -28.28 -9.74 24.19
CA ARG B 141 -27.98 -8.52 23.45
C ARG B 141 -28.41 -7.29 24.23
N ASN B 142 -29.55 -7.38 24.88
CA ASN B 142 -30.07 -6.28 25.68
C ASN B 142 -29.09 -5.91 26.77
N VAL B 143 -28.60 -6.92 27.48
CA VAL B 143 -27.63 -6.74 28.55
C VAL B 143 -26.31 -6.18 28.01
N LEU B 144 -25.89 -6.71 26.86
CA LEU B 144 -24.71 -6.28 26.19
C LEU B 144 -24.80 -4.75 26.02
N PHE B 145 -25.92 -4.21 25.57
CA PHE B 145 -26.07 -2.77 25.39
C PHE B 145 -26.20 -2.02 26.70
N ASN B 146 -26.45 -2.72 27.81
CA ASN B 146 -26.46 -2.06 29.11
C ASN B 146 -25.04 -1.95 29.67
N VAL B 147 -24.22 -2.97 29.45
CA VAL B 147 -22.84 -2.93 29.92
C VAL B 147 -21.90 -2.23 28.94
N VAL B 148 -22.16 -2.37 27.63
CA VAL B 148 -21.31 -1.75 26.63
C VAL B 148 -22.08 -0.63 25.93
N PRO B 149 -21.82 0.63 26.27
CA PRO B 149 -22.52 1.73 25.59
C PRO B 149 -22.35 1.62 24.08
N THR B 150 -23.48 1.66 23.38
CA THR B 150 -23.52 1.45 21.93
C THR B 150 -24.41 2.51 21.30
N PRO B 151 -23.98 3.16 20.21
CA PRO B 151 -24.79 4.20 19.59
C PRO B 151 -26.17 3.68 19.21
N ARG B 152 -27.18 4.52 19.38
CA ARG B 152 -28.54 4.18 18.97
C ARG B 152 -28.67 4.31 17.46
N ASP B 153 -29.08 3.24 16.80
CA ASP B 153 -29.29 3.29 15.36
C ASP B 153 -30.44 4.21 15.02
N ILE B 154 -30.20 5.13 14.11
CA ILE B 154 -31.19 6.04 13.58
C ILE B 154 -31.06 6.10 12.07
N PHE B 155 -31.72 5.18 11.40
CA PHE B 155 -31.66 5.10 9.94
C PHE B 155 -32.84 5.74 9.24
N GLY B 156 -33.94 5.85 9.98
CA GLY B 156 -35.15 6.44 9.52
C GLY B 156 -35.44 7.71 10.28
N PRO B 157 -36.70 7.95 10.55
CA PRO B 157 -37.12 9.13 11.30
C PRO B 157 -36.55 9.07 12.71
N VAL B 158 -36.31 10.24 13.25
CA VAL B 158 -35.73 10.40 14.55
C VAL B 158 -36.58 9.76 15.65
N LEU B 159 -37.89 9.84 15.56
CA LEU B 159 -38.78 9.25 16.54
C LEU B 159 -39.02 7.75 16.46
N SER B 160 -38.61 7.11 15.39
CA SER B 160 -38.80 5.69 15.27
C SER B 160 -37.82 4.86 16.10
N ASP B 161 -38.29 3.77 16.64
CA ASP B 161 -37.44 2.89 17.36
C ASP B 161 -36.72 1.93 16.43
N PRO B 162 -35.46 1.67 16.69
CA PRO B 162 -34.69 0.73 15.88
C PRO B 162 -35.21 -0.71 16.04
N VAL B 163 -35.03 -1.52 15.02
CA VAL B 163 -35.50 -2.89 15.02
C VAL B 163 -34.34 -3.79 14.61
N TRP B 164 -34.00 -4.74 15.48
CA TRP B 164 -32.89 -5.65 15.23
C TRP B 164 -33.31 -6.73 14.24
N CYS B 165 -32.60 -6.83 13.12
CA CYS B 165 -32.89 -7.81 12.07
C CYS B 165 -31.62 -8.62 11.79
N PRO B 166 -31.25 -9.52 12.70
CA PRO B 166 -30.00 -10.27 12.51
C PRO B 166 -30.06 -11.18 11.30
N HIS B 167 -28.88 -11.52 10.79
CA HIS B 167 -28.78 -12.44 9.66
C HIS B 167 -27.39 -13.05 9.67
N VAL B 168 -27.24 -14.12 8.88
CA VAL B 168 -25.96 -14.75 8.63
C VAL B 168 -25.81 -14.90 7.13
N THR B 169 -24.71 -14.38 6.58
CA THR B 169 -24.48 -14.47 5.16
C THR B 169 -24.17 -15.91 4.76
N ILE B 170 -24.83 -16.39 3.72
CA ILE B 170 -24.57 -17.73 3.21
C ILE B 170 -23.50 -17.72 2.13
N GLY B 171 -23.57 -16.76 1.22
CA GLY B 171 -22.56 -16.66 0.17
C GLY B 171 -22.92 -15.55 -0.79
N TYR B 172 -21.94 -15.19 -1.61
CA TYR B 172 -22.10 -14.17 -2.64
C TYR B 172 -22.21 -14.83 -4.01
N VAL B 173 -23.16 -14.36 -4.80
CA VAL B 173 -23.34 -14.85 -6.16
C VAL B 173 -23.28 -13.64 -7.09
N ARG B 174 -23.05 -13.93 -8.37
CA ARG B 174 -22.95 -12.87 -9.36
C ARG B 174 -24.33 -12.22 -9.55
N ALA B 175 -24.33 -10.92 -9.80
CA ALA B 175 -25.58 -10.17 -9.92
C ALA B 175 -26.25 -10.29 -11.28
N ASP B 176 -25.67 -10.98 -12.21
CA ASP B 176 -26.26 -11.12 -13.51
C ASP B 176 -26.50 -12.52 -13.93
N ASP B 177 -26.80 -13.38 -12.98
CA ASP B 177 -27.08 -14.77 -13.25
C ASP B 177 -28.29 -15.20 -12.41
N GLU B 178 -29.47 -14.81 -12.88
CA GLU B 178 -30.70 -15.07 -12.18
C GLU B 178 -30.97 -16.52 -11.93
N ASP B 179 -30.75 -17.38 -12.89
CA ASP B 179 -31.01 -18.78 -12.62
C ASP B 179 -30.09 -19.30 -11.49
N ASN B 180 -28.83 -18.91 -11.50
CA ASN B 180 -27.93 -19.32 -10.44
C ASN B 180 -28.34 -18.70 -9.10
N LYS B 181 -28.69 -17.44 -9.07
CA LYS B 181 -29.12 -16.80 -7.84
C LYS B 181 -30.41 -17.39 -7.32
N ASN B 182 -31.38 -17.55 -8.20
CA ASN B 182 -32.65 -18.12 -7.82
C ASN B 182 -32.46 -19.54 -7.40
N SER B 183 -31.61 -20.30 -8.07
CA SER B 183 -31.34 -21.63 -7.59
C SER B 183 -30.67 -21.62 -6.24
N PHE B 184 -29.77 -20.69 -6.00
CA PHE B 184 -29.11 -20.63 -4.69
C PHE B 184 -30.15 -20.36 -3.61
N ILE B 185 -31.03 -19.42 -3.87
CA ILE B 185 -32.05 -19.06 -2.94
C ILE B 185 -32.96 -20.23 -2.62
N GLU B 186 -33.31 -21.02 -3.60
CA GLU B 186 -34.16 -22.17 -3.40
C GLU B 186 -33.52 -23.22 -2.54
N LEU B 187 -32.28 -23.57 -2.82
CA LEU B 187 -31.54 -24.50 -1.97
C LEU B 187 -31.45 -24.00 -0.54
N ALA B 188 -31.22 -22.70 -0.35
CA ALA B 188 -31.10 -22.15 0.99
C ALA B 188 -32.44 -22.15 1.72
N GLU B 189 -33.53 -21.96 0.99
CA GLU B 189 -34.88 -21.94 1.57
C GLU B 189 -35.28 -23.22 2.25
N ALA B 190 -34.58 -24.29 1.96
CA ALA B 190 -34.81 -25.58 2.60
C ALA B 190 -34.39 -25.63 4.06
N PHE B 191 -33.50 -24.74 4.44
CA PHE B 191 -33.02 -24.58 5.78
C PHE B 191 -33.90 -23.66 6.63
N ARG B 192 -34.96 -23.08 6.10
CA ARG B 192 -35.84 -22.24 6.91
C ARG B 192 -36.43 -23.06 8.04
N GLY B 193 -36.44 -22.51 9.23
CA GLY B 193 -36.91 -23.20 10.40
C GLY B 193 -35.87 -24.03 11.13
N SER B 194 -34.71 -24.19 10.54
CA SER B 194 -33.64 -24.89 11.20
C SER B 194 -32.95 -23.96 12.18
N LYS B 195 -32.28 -24.52 13.18
CA LYS B 195 -31.54 -23.79 14.20
C LYS B 195 -30.11 -23.41 13.91
N ILE B 196 -29.73 -22.21 14.25
CA ILE B 196 -28.37 -21.79 14.13
C ILE B 196 -27.87 -21.90 15.56
N LYS B 197 -26.88 -22.74 15.79
CA LYS B 197 -26.36 -22.95 17.10
C LYS B 197 -25.27 -21.96 17.46
N VAL B 198 -25.27 -21.55 18.68
CA VAL B 198 -24.27 -20.58 19.15
C VAL B 198 -23.09 -21.34 19.74
N ILE B 199 -21.88 -20.89 19.40
CA ILE B 199 -20.66 -21.46 19.93
C ILE B 199 -20.04 -20.56 21.00
N GLY B 200 -19.97 -19.26 20.74
CA GLY B 200 -19.42 -18.33 21.68
C GLY B 200 -19.19 -16.98 21.03
N TRP B 201 -18.46 -16.12 21.74
CA TRP B 201 -18.12 -14.82 21.21
C TRP B 201 -17.12 -14.95 20.06
N CYS B 202 -17.22 -14.04 19.10
CA CYS B 202 -16.23 -13.98 18.04
C CYS B 202 -14.87 -13.61 18.63
N GLU B 203 -13.90 -14.50 18.47
CA GLU B 203 -12.57 -14.29 19.04
C GLU B 203 -11.89 -13.11 18.34
N THR C 3 -23.37 19.15 -34.36
CA THR C 3 -22.10 19.70 -33.95
C THR C 3 -21.13 20.02 -35.11
N THR C 4 -20.50 21.18 -35.02
CA THR C 4 -19.54 21.58 -36.01
C THR C 4 -18.24 20.72 -35.90
N ILE C 5 -17.49 20.66 -36.98
CA ILE C 5 -16.29 19.86 -36.97
C ILE C 5 -15.27 20.23 -35.94
N GLN C 6 -15.05 21.52 -35.81
CA GLN C 6 -14.13 22.04 -34.87
C GLN C 6 -14.55 21.76 -33.48
N LYS C 7 -15.84 21.90 -33.23
CA LYS C 7 -16.35 21.59 -31.90
C LYS C 7 -16.22 20.13 -31.59
N GLU C 8 -16.43 19.30 -32.59
CA GLU C 8 -16.26 17.87 -32.46
C GLU C 8 -14.79 17.52 -32.15
N LEU C 9 -13.88 18.25 -32.76
CA LEU C 9 -12.45 18.08 -32.53
C LEU C 9 -12.07 18.49 -31.12
N GLU C 10 -12.64 19.58 -30.64
CA GLU C 10 -12.35 20.04 -29.29
C GLU C 10 -12.84 19.05 -28.25
N ASN C 11 -13.93 18.33 -28.53
CA ASN C 11 -14.39 17.30 -27.62
C ASN C 11 -13.38 16.15 -27.56
N ILE C 12 -12.77 15.81 -28.69
CA ILE C 12 -11.77 14.75 -28.70
C ILE C 12 -10.56 15.15 -27.86
N VAL C 13 -10.15 16.41 -27.93
CA VAL C 13 -9.03 16.87 -27.12
C VAL C 13 -9.33 16.74 -25.64
N VAL C 14 -10.55 17.10 -25.22
CA VAL C 14 -10.92 16.98 -23.81
C VAL C 14 -11.00 15.52 -23.40
N LYS C 15 -11.64 14.69 -24.21
CA LYS C 15 -11.74 13.27 -23.90
C LYS C 15 -10.37 12.63 -23.79
N GLU C 16 -9.46 12.99 -24.71
CA GLU C 16 -8.14 12.37 -24.71
C GLU C 16 -7.37 12.67 -23.43
N ARG C 17 -7.60 13.84 -22.82
CA ARG C 17 -6.90 14.17 -21.58
C ARG C 17 -7.28 13.22 -20.46
N GLN C 18 -8.51 12.78 -20.43
CA GLN C 18 -8.95 11.93 -19.37
C GLN C 18 -8.46 10.54 -19.53
N ASN C 19 -7.83 10.22 -20.63
CA ASN C 19 -7.33 8.88 -20.74
C ASN C 19 -6.20 8.74 -19.80
N LYS C 20 -6.10 7.58 -19.22
CA LYS C 20 -5.05 7.35 -18.31
C LYS C 20 -3.97 6.89 -19.20
N LYS C 21 -2.83 7.52 -19.15
CA LYS C 21 -1.77 7.12 -20.06
C LYS C 21 -0.52 6.83 -19.32
N ASP C 22 0.25 5.93 -19.85
CA ASP C 22 1.50 5.57 -19.28
C ASP C 22 2.51 6.33 -20.13
N THR C 23 3.29 7.18 -19.49
CA THR C 23 4.23 8.03 -20.17
C THR C 23 5.65 7.95 -19.69
N ILE C 24 6.57 8.52 -20.48
CA ILE C 24 7.98 8.56 -20.11
C ILE C 24 8.46 10.00 -20.27
N LEU C 25 9.41 10.39 -19.43
CA LEU C 25 9.96 11.74 -19.42
C LEU C 25 11.28 11.77 -20.18
N MET C 26 11.37 12.68 -21.15
CA MET C 26 12.58 12.86 -21.96
C MET C 26 13.20 14.19 -21.55
N GLY C 27 14.24 14.12 -20.71
CA GLY C 27 14.84 15.32 -20.16
C GLY C 27 16.35 15.20 -20.03
N LEU C 28 16.98 16.34 -19.74
CA LEU C 28 18.41 16.44 -19.60
C LEU C 28 18.76 16.77 -18.15
N LYS C 29 19.79 16.12 -17.64
CA LYS C 29 20.37 16.53 -16.36
C LYS C 29 21.25 17.75 -16.58
N VAL C 30 21.15 18.72 -15.68
CA VAL C 30 21.85 19.99 -15.82
C VAL C 30 22.62 20.35 -14.55
N GLU C 31 23.56 21.24 -14.70
CA GLU C 31 24.32 21.70 -13.59
C GLU C 31 23.77 23.03 -13.20
N VAL C 32 23.38 23.22 -11.96
CA VAL C 32 22.86 24.50 -11.53
C VAL C 32 23.91 25.34 -10.81
N PRO C 33 23.85 26.64 -10.99
CA PRO C 33 24.74 27.60 -10.37
C PRO C 33 24.53 27.73 -8.87
N TRP C 34 23.30 27.54 -8.44
CA TRP C 34 22.94 27.65 -7.06
C TRP C 34 23.22 26.44 -6.20
N ASN C 35 23.18 26.70 -4.93
CA ASN C 35 23.50 25.77 -3.91
C ASN C 35 22.53 25.87 -2.73
N TYR C 36 22.39 24.84 -1.90
CA TYR C 36 21.54 24.83 -0.71
C TYR C 36 21.93 25.99 0.21
N CYS C 37 23.19 26.29 0.38
CA CYS C 37 23.65 27.39 1.15
C CYS C 37 23.15 28.79 0.62
N ASP C 38 22.89 28.92 -0.67
CA ASP C 38 22.31 30.12 -1.21
C ASP C 38 20.89 30.42 -0.67
N TRP C 39 20.21 29.43 -0.13
CA TRP C 39 18.88 29.62 0.38
C TRP C 39 18.80 29.47 1.90
N ALA C 40 19.85 29.82 2.59
CA ALA C 40 19.94 29.58 4.02
C ALA C 40 18.87 30.24 4.86
N SER C 41 18.53 31.46 4.56
CA SER C 41 17.46 32.10 5.26
C SER C 41 16.00 31.54 5.01
N ILE C 42 15.82 30.80 3.92
CA ILE C 42 14.58 30.25 3.46
C ILE C 42 14.09 28.96 4.09
N SER C 43 12.81 28.89 4.36
CA SER C 43 12.21 27.71 4.86
C SER C 43 11.48 27.01 3.72
N PHE C 44 11.74 25.73 3.55
CA PHE C 44 11.21 24.95 2.44
C PHE C 44 10.14 23.98 2.92
N TYR C 45 9.28 23.60 1.99
CA TYR C 45 8.11 22.77 2.25
C TYR C 45 8.42 21.34 1.80
N ASP C 46 8.56 20.43 2.75
CA ASP C 46 8.77 19.02 2.48
C ASP C 46 7.50 18.27 2.90
N VAL C 47 6.72 17.85 1.91
CA VAL C 47 5.43 17.22 2.19
C VAL C 47 5.59 16.01 3.07
N ARG C 48 6.71 15.29 2.93
CA ARG C 48 6.95 14.09 3.73
C ARG C 48 7.02 14.40 5.22
N LEU C 49 7.28 15.65 5.59
CA LEU C 49 7.37 16.05 6.99
C LEU C 49 6.07 16.67 7.51
N GLU C 50 5.02 16.68 6.71
CA GLU C 50 3.78 17.36 7.03
C GLU C 50 2.71 16.37 7.49
N SER C 51 1.81 16.85 8.34
CA SER C 51 0.63 16.11 8.71
C SER C 51 -0.55 16.54 7.84
N GLY C 52 -1.57 15.69 7.78
CA GLY C 52 -2.76 16.01 7.02
C GLY C 52 -2.66 15.82 5.53
N ILE C 53 -1.73 15.00 5.07
CA ILE C 53 -1.61 14.76 3.65
C ILE C 53 -2.40 13.54 3.31
N LEU C 54 -3.40 13.69 2.48
CA LEU C 54 -4.24 12.57 2.15
C LEU C 54 -3.56 11.44 1.43
N ASP C 55 -2.70 11.74 0.49
CA ASP C 55 -2.02 10.66 -0.19
C ASP C 55 -0.59 11.04 -0.62
N MET C 56 0.39 10.57 0.11
CA MET C 56 1.77 10.85 -0.17
C MET C 56 2.29 10.31 -1.50
N GLU C 57 1.83 9.16 -1.91
CA GLU C 57 2.32 8.60 -3.16
C GLU C 57 1.76 9.26 -4.39
N SER C 58 0.76 10.10 -4.24
CA SER C 58 0.22 10.75 -5.42
C SER C 58 1.29 11.60 -6.11
N ILE C 59 1.31 11.56 -7.45
CA ILE C 59 2.26 12.36 -8.19
C ILE C 59 2.02 13.85 -7.98
N ALA C 60 0.87 14.20 -7.45
CA ALA C 60 0.58 15.59 -7.25
C ALA C 60 1.26 16.18 -6.04
N VAL C 61 1.76 15.35 -5.14
CA VAL C 61 2.50 15.86 -4.02
C VAL C 61 3.85 15.22 -3.80
N LYS C 62 4.08 14.09 -4.43
CA LYS C 62 5.29 13.33 -4.17
C LYS C 62 6.58 14.01 -4.49
N TYR C 63 6.55 14.98 -5.38
CA TYR C 63 7.73 15.70 -5.79
C TYR C 63 8.05 16.89 -4.96
N MET C 64 7.18 17.20 -4.03
CA MET C 64 7.35 18.36 -3.22
C MET C 64 8.30 18.03 -2.09
N THR C 65 9.59 18.06 -2.37
CA THR C 65 10.54 17.67 -1.40
C THR C 65 11.53 18.75 -1.14
N GLY C 66 11.01 19.77 -0.50
CA GLY C 66 11.76 20.92 -0.10
C GLY C 66 12.59 21.47 -1.21
N CYS C 67 13.87 21.64 -0.93
CA CYS C 67 14.78 22.14 -1.95
C CYS C 67 15.67 21.04 -2.50
N ASP C 68 15.43 19.78 -2.13
CA ASP C 68 16.18 18.64 -2.66
C ASP C 68 15.46 18.18 -3.91
N ILE C 69 15.81 18.77 -5.05
CA ILE C 69 15.06 18.57 -6.29
C ILE C 69 16.01 18.13 -7.39
N PRO C 70 15.68 17.08 -8.13
CA PRO C 70 16.55 16.62 -9.22
C PRO C 70 16.81 17.74 -10.21
N PRO C 71 18.08 18.05 -10.48
CA PRO C 71 18.39 19.07 -11.48
C PRO C 71 18.13 18.58 -12.89
N HIS C 72 16.86 18.55 -13.29
CA HIS C 72 16.45 18.07 -14.60
C HIS C 72 15.69 19.17 -15.33
N VAL C 73 15.80 19.16 -16.66
CA VAL C 73 14.96 19.99 -17.52
C VAL C 73 14.29 19.06 -18.52
N THR C 74 12.96 19.04 -18.51
CA THR C 74 12.21 18.19 -19.42
C THR C 74 12.18 18.80 -20.83
N LEU C 75 12.52 17.99 -21.83
CA LEU C 75 12.31 18.39 -23.22
C LEU C 75 10.93 18.00 -23.71
N GLY C 76 10.45 16.83 -23.32
CA GLY C 76 9.13 16.38 -23.74
C GLY C 76 8.71 15.16 -22.95
N ILE C 77 7.43 14.82 -23.11
CA ILE C 77 6.82 13.67 -22.46
C ILE C 77 6.06 12.89 -23.53
N THR C 78 6.35 11.60 -23.65
CA THR C 78 5.74 10.78 -24.68
C THR C 78 5.25 9.47 -24.06
N ASN C 79 4.57 8.67 -24.89
CA ASN C 79 3.97 7.44 -24.39
C ASN C 79 5.03 6.40 -24.09
N LYS C 80 4.70 5.51 -23.14
CA LYS C 80 5.66 4.51 -22.69
C LYS C 80 6.12 3.60 -23.81
N ASP C 81 5.25 3.31 -24.79
CA ASP C 81 5.64 2.44 -25.88
C ASP C 81 6.65 3.08 -26.83
N GLN C 82 7.03 4.32 -26.58
CA GLN C 82 8.03 5.03 -27.38
C GLN C 82 9.42 5.00 -26.75
N GLU C 83 9.56 4.11 -25.81
CA GLU C 83 10.75 3.87 -25.07
C GLU C 83 11.94 3.44 -25.93
N ALA C 84 11.66 2.60 -26.91
CA ALA C 84 12.70 2.10 -27.76
C ALA C 84 13.14 3.21 -28.64
N ASN C 85 12.20 3.93 -29.22
CA ASN C 85 12.61 5.05 -30.07
C ASN C 85 13.44 6.07 -29.30
N PHE C 86 13.04 6.36 -28.07
CA PHE C 86 13.80 7.32 -27.27
C PHE C 86 15.21 6.81 -27.00
N GLN C 87 15.34 5.56 -26.56
CA GLN C 87 16.67 4.99 -26.35
C GLN C 87 17.45 4.96 -27.65
N ARG C 88 16.75 4.73 -28.78
CA ARG C 88 17.42 4.74 -30.07
C ARG C 88 17.94 6.14 -30.40
N PHE C 89 17.20 7.18 -30.01
CA PHE C 89 17.65 8.54 -30.26
C PHE C 89 18.91 8.86 -29.47
N LYS C 90 18.94 8.46 -28.19
CA LYS C 90 20.13 8.72 -27.38
C LYS C 90 21.35 8.05 -27.97
N GLU C 91 21.18 6.87 -28.56
CA GLU C 91 22.30 6.21 -29.24
C GLU C 91 22.68 6.96 -30.51
N LEU C 92 21.69 7.47 -31.24
CA LEU C 92 21.96 8.20 -32.47
C LEU C 92 22.68 9.52 -32.20
N THR C 93 22.60 10.01 -30.99
CA THR C 93 23.24 11.27 -30.66
C THR C 93 24.40 11.06 -29.76
N ARG C 94 24.92 9.84 -29.72
CA ARG C 94 26.10 9.55 -28.89
C ARG C 94 27.28 10.46 -29.21
N ASN C 95 27.51 10.70 -30.51
CA ASN C 95 28.59 11.53 -30.97
C ASN C 95 28.52 12.98 -30.63
N ILE C 96 27.32 13.47 -30.33
CA ILE C 96 27.12 14.87 -29.97
C ILE C 96 27.62 15.17 -28.55
N ASP C 97 28.28 16.30 -28.40
CA ASP C 97 28.79 16.73 -27.10
C ASP C 97 27.67 17.45 -26.36
N LEU C 98 26.90 16.70 -25.59
CA LEU C 98 25.81 17.29 -24.84
C LEU C 98 26.29 18.26 -23.77
N THR C 99 27.55 18.16 -23.35
CA THR C 99 28.06 19.06 -22.31
C THR C 99 28.32 20.47 -22.83
N SER C 100 28.23 20.71 -24.13
CA SER C 100 28.32 22.05 -24.67
C SER C 100 26.98 22.77 -24.70
N LEU C 101 25.87 22.03 -24.60
CA LEU C 101 24.55 22.64 -24.56
C LEU C 101 24.35 23.39 -23.25
N SER C 102 23.48 24.40 -23.28
CA SER C 102 23.21 25.18 -22.09
C SER C 102 21.83 25.79 -22.17
N PHE C 103 21.32 26.21 -21.01
CA PHE C 103 20.18 27.10 -20.89
C PHE C 103 20.65 28.40 -20.25
N THR C 104 19.84 29.44 -20.38
CA THR C 104 20.09 30.71 -19.72
C THR C 104 18.93 31.01 -18.79
N CYS C 105 19.24 31.31 -17.52
CA CYS C 105 18.21 31.62 -16.54
C CYS C 105 17.50 32.91 -16.91
N LYS C 106 16.20 32.80 -17.19
CA LYS C 106 15.40 33.90 -17.72
C LYS C 106 14.65 34.67 -16.64
N GLU C 107 13.88 33.98 -15.82
CA GLU C 107 13.14 34.64 -14.74
C GLU C 107 12.69 33.61 -13.73
N VAL C 108 12.43 34.09 -12.52
CA VAL C 108 11.97 33.24 -11.42
C VAL C 108 10.45 33.35 -11.33
N ILE C 109 9.78 32.21 -11.27
CA ILE C 109 8.33 32.15 -11.18
C ILE C 109 7.96 31.19 -10.06
N CYS C 110 6.96 31.56 -9.27
CA CYS C 110 6.38 30.68 -8.25
C CYS C 110 5.02 30.24 -8.77
N PHE C 111 4.94 28.99 -9.23
CA PHE C 111 3.70 28.48 -9.79
C PHE C 111 2.60 28.49 -8.73
N PRO C 112 1.36 28.73 -9.14
CA PRO C 112 0.25 28.69 -8.18
C PRO C 112 0.08 27.29 -7.62
N GLN C 113 -0.53 27.22 -6.44
CA GLN C 113 -0.83 25.93 -5.84
C GLN C 113 -1.72 25.11 -6.77
N SER C 114 -1.29 23.89 -7.07
CA SER C 114 -2.06 23.05 -7.97
C SER C 114 -3.33 22.54 -7.29
N ARG C 115 -4.37 22.35 -8.09
CA ARG C 115 -5.65 21.89 -7.54
C ARG C 115 -5.52 20.48 -6.98
N ALA C 116 -4.80 19.61 -7.66
CA ALA C 116 -4.67 18.23 -7.21
C ALA C 116 -3.98 18.15 -5.85
N SER C 117 -2.88 18.88 -5.68
CA SER C 117 -2.16 18.85 -4.40
C SER C 117 -2.97 19.52 -3.30
N LYS C 118 -3.61 20.64 -3.60
CA LYS C 118 -4.42 21.32 -2.60
C LYS C 118 -5.55 20.43 -2.11
N GLU C 119 -6.14 19.64 -3.01
CA GLU C 119 -7.21 18.72 -2.60
C GLU C 119 -6.69 17.65 -1.66
N LEU C 120 -5.41 17.28 -1.76
CA LEU C 120 -4.82 16.27 -0.91
C LEU C 120 -4.25 16.83 0.38
N GLY C 121 -4.58 18.07 0.73
CA GLY C 121 -4.11 18.68 1.96
C GLY C 121 -2.73 19.29 1.89
N ALA C 122 -2.14 19.36 0.71
CA ALA C 122 -0.82 19.95 0.54
C ALA C 122 -0.85 21.46 0.61
N ASN C 123 0.24 22.04 0.99
CA ASN C 123 0.37 23.45 1.13
C ASN C 123 1.60 24.05 0.46
N GLY C 124 2.15 23.36 -0.52
CA GLY C 124 3.33 23.85 -1.19
C GLY C 124 3.19 24.42 -2.58
N ARG C 125 4.09 25.32 -2.91
CA ARG C 125 4.12 25.90 -4.26
C ARG C 125 5.53 25.80 -4.79
N ALA C 126 5.64 25.50 -6.08
CA ALA C 126 6.94 25.32 -6.72
C ALA C 126 7.49 26.65 -7.18
N VAL C 127 8.72 26.95 -6.79
CA VAL C 127 9.47 28.09 -7.29
C VAL C 127 10.46 27.56 -8.32
N VAL C 128 10.36 28.04 -9.55
CA VAL C 128 11.18 27.54 -10.65
C VAL C 128 11.91 28.70 -11.29
N MET C 129 13.00 28.36 -11.98
CA MET C 129 13.70 29.30 -12.85
C MET C 129 13.27 29.02 -14.28
N LYS C 130 12.53 29.96 -14.87
CA LYS C 130 12.25 29.88 -16.30
C LYS C 130 13.56 29.98 -17.06
N LEU C 131 13.67 29.20 -18.14
CA LEU C 131 14.92 29.10 -18.87
C LEU C 131 14.70 29.41 -20.35
N GLU C 132 15.76 29.88 -20.99
CA GLU C 132 15.83 30.03 -22.43
C GLU C 132 16.85 29.01 -22.95
N ALA C 133 16.38 28.05 -23.73
CA ALA C 133 17.28 27.07 -24.29
C ALA C 133 18.17 27.69 -25.36
N SER C 134 19.40 27.20 -25.46
CA SER C 134 20.26 27.61 -26.56
C SER C 134 19.73 27.05 -27.86
N ASP C 135 20.22 27.62 -28.98
CA ASP C 135 19.77 27.16 -30.28
C ASP C 135 20.06 25.67 -30.47
N ASP C 136 21.23 25.22 -30.02
CA ASP C 136 21.55 23.80 -30.13
C ASP C 136 20.59 22.94 -29.31
N VAL C 137 20.16 23.44 -28.15
CA VAL C 137 19.19 22.70 -27.35
C VAL C 137 17.85 22.63 -28.06
N LYS C 138 17.40 23.74 -28.64
CA LYS C 138 16.14 23.73 -29.38
C LYS C 138 16.23 22.77 -30.55
N ALA C 139 17.35 22.76 -31.27
CA ALA C 139 17.53 21.84 -32.39
C ALA C 139 17.51 20.39 -31.92
N LEU C 140 18.19 20.11 -30.80
CA LEU C 140 18.18 18.75 -30.25
C LEU C 140 16.75 18.31 -29.94
N ARG C 141 15.99 19.17 -29.27
CA ARG C 141 14.59 18.84 -28.96
C ARG C 141 13.78 18.64 -30.23
N ASN C 142 14.02 19.47 -31.25
CA ASN C 142 13.30 19.31 -32.51
C ASN C 142 13.58 17.95 -33.13
N VAL C 143 14.85 17.56 -33.19
CA VAL C 143 15.18 16.25 -33.74
C VAL C 143 14.68 15.14 -32.83
N LEU C 144 14.71 15.38 -31.52
CA LEU C 144 14.12 14.42 -30.58
C LEU C 144 12.69 14.09 -30.96
N PHE C 145 11.89 15.13 -31.27
CA PHE C 145 10.49 14.91 -31.65
C PHE C 145 10.37 14.32 -33.04
N ASN C 146 11.42 14.38 -33.85
CA ASN C 146 11.38 13.75 -35.17
C ASN C 146 11.68 12.26 -35.08
N VAL C 147 12.60 11.87 -34.19
CA VAL C 147 12.95 10.47 -34.04
C VAL C 147 11.96 9.77 -33.11
N VAL C 148 11.48 10.46 -32.10
CA VAL C 148 10.61 9.89 -31.08
C VAL C 148 9.24 10.54 -31.19
N PRO C 149 8.28 9.88 -31.81
CA PRO C 149 6.93 10.47 -31.92
C PRO C 149 6.39 10.84 -30.55
N THR C 150 5.87 12.07 -30.43
CA THR C 150 5.43 12.61 -29.17
C THR C 150 4.09 13.30 -29.37
N PRO C 151 3.11 13.08 -28.51
CA PRO C 151 1.82 13.76 -28.65
C PRO C 151 2.00 15.26 -28.75
N ARG C 152 1.25 15.87 -29.67
CA ARG C 152 1.23 17.32 -29.78
C ARG C 152 0.46 17.92 -28.60
N ASP C 153 1.08 18.84 -27.89
CA ASP C 153 0.41 19.50 -26.78
C ASP C 153 -0.69 20.43 -27.31
N ILE C 154 -1.88 20.26 -26.78
CA ILE C 154 -2.99 21.14 -27.10
C ILE C 154 -3.60 21.65 -25.79
N PHE C 155 -2.94 22.56 -25.15
CA PHE C 155 -3.44 23.11 -23.91
C PHE C 155 -4.65 24.00 -24.04
N GLY C 156 -4.57 24.91 -24.99
CA GLY C 156 -5.62 25.84 -25.30
C GLY C 156 -6.40 25.56 -26.56
N PRO C 157 -6.51 26.57 -27.42
CA PRO C 157 -7.22 26.54 -28.71
C PRO C 157 -6.58 25.52 -29.65
N VAL C 158 -7.42 24.69 -30.25
CA VAL C 158 -6.98 23.68 -31.15
C VAL C 158 -6.10 24.20 -32.30
N LEU C 159 -6.32 25.42 -32.71
CA LEU C 159 -5.61 26.00 -33.84
C LEU C 159 -4.33 26.72 -33.42
N SER C 160 -4.01 26.75 -32.13
CA SER C 160 -2.82 27.43 -31.65
C SER C 160 -1.63 26.49 -31.61
N ASP C 161 -0.46 27.01 -31.92
CA ASP C 161 0.74 26.21 -31.85
C ASP C 161 1.29 26.20 -30.43
N PRO C 162 1.86 25.08 -29.98
CA PRO C 162 2.41 25.03 -28.62
C PRO C 162 3.75 25.75 -28.55
N VAL C 163 4.05 26.25 -27.36
CA VAL C 163 5.28 26.99 -27.10
C VAL C 163 6.02 26.29 -25.97
N TRP C 164 7.29 25.93 -26.23
CA TRP C 164 8.12 25.30 -25.22
C TRP C 164 8.64 26.35 -24.25
N CYS C 165 8.32 26.19 -22.96
CA CYS C 165 8.76 27.10 -21.91
C CYS C 165 9.52 26.29 -20.87
N PRO C 166 10.78 25.92 -21.16
CA PRO C 166 11.52 25.09 -20.22
C PRO C 166 11.78 25.81 -18.90
N HIS C 167 11.93 25.03 -17.83
CA HIS C 167 12.26 25.57 -16.53
C HIS C 167 12.94 24.47 -15.72
N VAL C 168 13.59 24.89 -14.65
CA VAL C 168 14.17 23.98 -13.66
C VAL C 168 13.65 24.40 -12.29
N THR C 169 13.06 23.45 -11.57
CA THR C 169 12.50 23.74 -10.27
C THR C 169 13.62 23.92 -9.24
N ILE C 170 13.49 24.95 -8.41
CA ILE C 170 14.48 25.23 -7.38
C ILE C 170 14.07 24.66 -6.03
N GLY C 171 12.81 24.81 -5.65
CA GLY C 171 12.34 24.28 -4.39
C GLY C 171 10.89 24.63 -4.17
N TYR C 172 10.31 24.02 -3.14
CA TYR C 172 8.92 24.25 -2.76
C TYR C 172 8.86 25.00 -1.43
N VAL C 173 7.95 25.97 -1.35
CA VAL C 173 7.73 26.75 -0.15
C VAL C 173 6.24 26.69 0.17
N ARG C 174 5.92 26.94 1.44
CA ARG C 174 4.52 26.95 1.85
C ARG C 174 3.77 28.07 1.14
N ALA C 175 2.52 27.78 0.76
CA ALA C 175 1.72 28.75 0.03
C ALA C 175 1.12 29.85 0.90
N ASP C 176 1.30 29.80 2.21
CA ASP C 176 0.69 30.77 3.13
C ASP C 176 1.73 31.56 3.90
N ASP C 177 2.91 31.75 3.31
CA ASP C 177 4.00 32.50 3.94
C ASP C 177 4.59 33.42 2.87
N GLU C 178 3.97 34.58 2.69
CA GLU C 178 4.36 35.49 1.61
C GLU C 178 5.79 35.97 1.78
N ASP C 179 6.15 36.44 2.98
CA ASP C 179 7.50 36.92 3.22
C ASP C 179 8.54 35.88 2.82
N ASN C 180 8.34 34.65 3.27
CA ASN C 180 9.28 33.58 2.94
C ASN C 180 9.35 33.37 1.42
N LYS C 181 8.18 33.33 0.76
CA LYS C 181 8.16 33.13 -0.68
C LYS C 181 8.89 34.26 -1.40
N ASN C 182 8.62 35.51 -1.01
CA ASN C 182 9.23 36.64 -1.71
C ASN C 182 10.75 36.67 -1.47
N SER C 183 11.19 36.43 -0.24
CA SER C 183 12.62 36.37 0.03
C SER C 183 13.29 35.31 -0.84
N PHE C 184 12.68 34.13 -0.93
CA PHE C 184 13.24 33.06 -1.77
C PHE C 184 13.34 33.53 -3.23
N ILE C 185 12.26 34.12 -3.74
CA ILE C 185 12.27 34.61 -5.13
C ILE C 185 13.39 35.61 -5.34
N GLU C 186 13.50 36.58 -4.44
CA GLU C 186 14.55 37.58 -4.55
C GLU C 186 15.93 36.94 -4.59
N LEU C 187 16.18 35.98 -3.69
CA LEU C 187 17.46 35.28 -3.71
C LEU C 187 17.69 34.58 -5.03
N ALA C 188 16.68 33.87 -5.54
CA ALA C 188 16.82 33.15 -6.80
C ALA C 188 17.03 34.10 -7.97
N GLU C 189 16.41 35.29 -7.92
CA GLU C 189 16.53 36.22 -9.04
C GLU C 189 17.96 36.71 -9.23
N ALA C 190 18.81 36.58 -8.22
CA ALA C 190 20.21 36.96 -8.39
C ALA C 190 20.91 36.10 -9.44
N PHE C 191 20.34 34.95 -9.78
CA PHE C 191 20.94 34.05 -10.76
C PHE C 191 20.37 34.24 -12.16
N ARG C 192 19.47 35.20 -12.35
CA ARG C 192 19.02 35.53 -13.71
C ARG C 192 20.21 35.91 -14.57
N GLY C 193 20.29 35.30 -15.75
CA GLY C 193 21.41 35.49 -16.65
C GLY C 193 22.48 34.42 -16.56
N SER C 194 22.49 33.64 -15.48
CA SER C 194 23.46 32.56 -15.35
C SER C 194 23.20 31.46 -16.37
N LYS C 195 24.27 30.79 -16.77
CA LYS C 195 24.19 29.70 -17.73
C LYS C 195 24.02 28.37 -17.00
N ILE C 196 23.03 27.60 -17.44
CA ILE C 196 22.81 26.24 -16.93
C ILE C 196 23.43 25.28 -17.93
N LYS C 197 24.46 24.57 -17.51
CA LYS C 197 25.19 23.67 -18.40
C LYS C 197 24.59 22.27 -18.36
N VAL C 198 24.48 21.65 -19.52
CA VAL C 198 23.86 20.33 -19.63
C VAL C 198 24.89 19.26 -19.29
N ILE C 199 24.45 18.23 -18.58
CA ILE C 199 25.28 17.08 -18.25
C ILE C 199 24.99 15.90 -19.18
N GLY C 200 23.76 15.57 -19.38
CA GLY C 200 23.42 14.50 -20.28
C GLY C 200 21.99 14.19 -20.12
N TRP C 201 21.59 13.06 -20.64
CA TRP C 201 20.23 12.67 -20.47
C TRP C 201 20.00 12.33 -19.01
N CYS C 202 18.76 12.45 -18.53
CA CYS C 202 18.33 12.01 -17.18
C CYS C 202 18.26 10.49 -17.06
N GLU C 203 17.94 9.89 -15.84
CA GLU C 203 17.89 8.47 -15.52
C GLU C 203 19.29 7.85 -15.55
N SER D 1 2.58 35.64 7.23
CA SER D 1 4.00 35.55 7.53
C SER D 1 4.26 35.72 9.03
N ALA D 2 5.43 35.28 9.48
CA ALA D 2 5.77 35.39 10.89
C ALA D 2 5.79 36.84 11.33
N THR D 3 5.29 37.09 12.54
CA THR D 3 5.24 38.43 13.10
C THR D 3 6.60 38.83 13.65
N THR D 4 6.69 40.09 14.10
CA THR D 4 7.92 40.56 14.73
C THR D 4 8.26 39.73 15.96
N ILE D 5 7.27 39.48 16.81
CA ILE D 5 7.53 38.71 18.03
C ILE D 5 7.79 37.24 17.70
N GLN D 6 7.08 36.70 16.72
CA GLN D 6 7.32 35.31 16.33
C GLN D 6 8.72 35.11 15.78
N LYS D 7 9.27 36.10 15.08
CA LYS D 7 10.63 35.98 14.58
C LYS D 7 11.64 36.13 15.71
N GLU D 8 11.36 36.98 16.69
CA GLU D 8 12.22 37.06 17.86
C GLU D 8 12.21 35.76 18.65
N LEU D 9 11.04 35.13 18.77
CA LEU D 9 10.96 33.85 19.47
C LEU D 9 11.71 32.77 18.72
N GLU D 10 11.73 32.81 17.39
CA GLU D 10 12.48 31.82 16.63
C GLU D 10 13.98 31.95 16.87
N ASN D 11 14.47 33.19 17.02
CA ASN D 11 15.87 33.38 17.36
C ASN D 11 16.18 32.80 18.74
N ILE D 12 15.27 32.99 19.69
CA ILE D 12 15.46 32.44 21.03
C ILE D 12 15.52 30.93 20.98
N VAL D 13 14.71 30.31 20.12
CA VAL D 13 14.76 28.86 19.97
C VAL D 13 16.13 28.42 19.45
N VAL D 14 16.66 29.14 18.46
CA VAL D 14 17.97 28.79 17.92
C VAL D 14 19.05 28.97 18.99
N LYS D 15 19.05 30.13 19.66
CA LYS D 15 20.06 30.39 20.68
C LYS D 15 19.97 29.36 21.81
N GLU D 16 18.77 28.97 22.19
CA GLU D 16 18.59 27.96 23.21
C GLU D 16 19.27 26.64 22.81
N ARG D 17 19.07 26.22 21.58
CA ARG D 17 19.69 25.02 21.11
C ARG D 17 21.19 25.30 21.04
N GLN D 18 21.66 26.41 20.54
CA GLN D 18 23.11 26.66 20.52
C GLN D 18 23.79 26.57 21.88
N ASN D 19 23.19 27.16 22.89
CA ASN D 19 23.75 27.00 24.20
C ASN D 19 23.47 25.74 25.01
N LYS D 20 22.76 24.81 24.43
CA LYS D 20 22.46 23.62 25.15
C LYS D 20 23.59 22.58 25.15
N LYS D 21 24.01 22.23 26.33
CA LYS D 21 25.02 21.25 26.55
C LYS D 21 24.55 20.28 27.59
N ASP D 22 25.16 19.11 27.65
CA ASP D 22 24.83 18.13 28.67
C ASP D 22 23.37 17.68 28.90
N THR D 23 22.71 17.34 27.83
CA THR D 23 21.39 16.81 27.85
C THR D 23 21.48 15.29 27.90
N ILE D 24 20.35 14.65 28.14
CA ILE D 24 20.22 13.20 28.15
C ILE D 24 19.40 12.76 26.95
N LEU D 25 19.80 11.66 26.34
CA LEU D 25 19.09 11.09 25.20
C LEU D 25 18.09 10.05 25.69
N MET D 26 16.83 10.22 25.34
CA MET D 26 15.77 9.26 25.63
C MET D 26 15.34 8.67 24.29
N GLY D 27 15.98 7.56 23.91
CA GLY D 27 15.74 6.96 22.62
C GLY D 27 15.79 5.45 22.68
N LEU D 28 15.51 4.83 21.55
CA LEU D 28 15.46 3.38 21.42
C LEU D 28 16.61 2.92 20.52
N LYS D 29 17.42 2.00 21.00
CA LYS D 29 18.48 1.44 20.20
C LYS D 29 17.83 0.50 19.22
N VAL D 30 18.28 0.55 17.96
CA VAL D 30 17.70 -0.31 16.94
C VAL D 30 18.78 -0.99 16.11
N GLU D 31 18.36 -1.95 15.28
CA GLU D 31 19.28 -2.66 14.41
C GLU D 31 19.01 -2.25 12.98
N VAL D 32 20.05 -1.81 12.28
CA VAL D 32 19.90 -1.37 10.91
C VAL D 32 20.57 -2.33 9.92
N PRO D 33 19.83 -2.69 8.87
CA PRO D 33 20.35 -3.57 7.83
C PRO D 33 21.50 -3.03 7.00
N TRP D 34 21.71 -1.73 7.04
CA TRP D 34 22.79 -1.13 6.32
C TRP D 34 24.08 -1.12 7.15
N ASN D 35 25.21 -1.08 6.45
CA ASN D 35 26.53 -1.06 7.02
C ASN D 35 27.33 0.07 6.43
N TYR D 36 28.48 0.35 7.03
CA TYR D 36 29.38 1.40 6.57
C TYR D 36 29.86 1.15 5.13
N CYS D 37 30.14 -0.10 4.84
CA CYS D 37 30.53 -0.54 3.54
C CYS D 37 29.57 -0.05 2.47
N ASP D 38 28.29 0.06 2.77
CA ASP D 38 27.31 0.48 1.78
C ASP D 38 27.51 1.93 1.34
N TRP D 39 28.15 2.75 2.18
CA TRP D 39 28.36 4.16 1.87
C TRP D 39 29.81 4.46 1.49
N ALA D 40 30.57 3.44 1.08
CA ALA D 40 31.98 3.63 0.77
C ALA D 40 32.18 4.74 -0.26
N SER D 41 31.26 4.86 -1.22
CA SER D 41 31.37 5.88 -2.25
C SER D 41 30.96 7.27 -1.77
N ILE D 42 30.49 7.40 -0.53
CA ILE D 42 29.92 8.65 -0.05
C ILE D 42 30.91 9.35 0.88
N SER D 43 31.04 10.66 0.70
CA SER D 43 31.86 11.48 1.59
C SER D 43 30.99 12.04 2.71
N PHE D 44 31.43 11.87 3.95
CA PHE D 44 30.65 12.26 5.11
C PHE D 44 31.25 13.48 5.79
N TYR D 45 30.40 14.17 6.55
CA TYR D 45 30.74 15.40 7.25
C TYR D 45 30.81 15.11 8.75
N ASP D 46 31.98 15.31 9.34
CA ASP D 46 32.23 15.00 10.74
C ASP D 46 32.86 16.22 11.39
N VAL D 47 32.11 16.89 12.28
CA VAL D 47 32.60 18.13 12.87
C VAL D 47 33.91 17.91 13.62
N ARG D 48 34.15 16.70 14.12
CA ARG D 48 35.40 16.42 14.82
C ARG D 48 36.61 16.56 13.92
N LEU D 49 36.41 16.47 12.60
CA LEU D 49 37.49 16.66 11.63
C LEU D 49 37.49 18.05 11.03
N GLU D 50 36.55 18.91 11.44
CA GLU D 50 36.37 20.22 10.83
C GLU D 50 36.97 21.31 11.72
N SER D 51 37.42 22.38 11.08
CA SER D 51 37.85 23.58 11.78
C SER D 51 36.76 24.65 11.70
N GLY D 52 36.87 25.62 12.56
CA GLY D 52 35.92 26.70 12.57
C GLY D 52 34.58 26.44 13.22
N ILE D 53 34.52 25.47 14.10
CA ILE D 53 33.30 25.17 14.80
C ILE D 53 33.40 25.96 16.07
N LEU D 54 32.46 26.83 16.32
CA LEU D 54 32.49 27.68 17.48
C LEU D 54 32.40 27.07 18.85
N ASP D 55 31.53 26.10 19.04
CA ASP D 55 31.42 25.44 20.29
C ASP D 55 31.16 23.98 20.03
N MET D 56 32.17 23.18 20.20
CA MET D 56 32.07 21.77 19.99
C MET D 56 31.19 21.02 20.98
N GLU D 57 31.01 21.57 22.15
CA GLU D 57 30.16 21.00 23.15
C GLU D 57 28.67 21.24 22.92
N SER D 58 28.31 22.15 22.06
CA SER D 58 26.91 22.36 21.84
C SER D 58 26.33 21.12 21.26
N ILE D 59 25.11 20.82 21.66
CA ILE D 59 24.38 19.70 21.09
C ILE D 59 23.94 19.95 19.64
N ALA D 60 24.15 21.12 19.11
CA ALA D 60 23.75 21.39 17.78
C ALA D 60 24.78 20.89 16.80
N VAL D 61 25.99 20.65 17.28
CA VAL D 61 27.07 20.12 16.49
C VAL D 61 27.80 18.92 17.02
N LYS D 62 27.69 18.65 18.29
CA LYS D 62 28.44 17.57 18.95
C LYS D 62 28.17 16.20 18.34
N TYR D 63 26.94 15.95 17.95
CA TYR D 63 26.55 14.67 17.42
C TYR D 63 26.60 14.53 15.90
N MET D 64 27.12 15.55 15.23
CA MET D 64 27.23 15.57 13.79
C MET D 64 28.56 14.89 13.40
N THR D 65 28.59 13.58 13.53
CA THR D 65 29.79 12.84 13.35
C THR D 65 29.75 11.83 12.22
N GLY D 66 29.62 12.35 11.01
CA GLY D 66 29.59 11.56 9.81
C GLY D 66 28.56 10.48 9.85
N CYS D 67 29.00 9.28 9.52
CA CYS D 67 28.14 8.13 9.60
C CYS D 67 28.52 7.33 10.85
N ASP D 68 29.38 7.90 11.66
CA ASP D 68 29.77 7.27 12.93
C ASP D 68 28.67 7.57 13.94
N ILE D 69 27.59 6.80 13.87
CA ILE D 69 26.39 7.06 14.66
C ILE D 69 25.84 5.73 15.18
N PRO D 70 25.66 5.56 16.48
CA PRO D 70 24.99 4.37 16.99
C PRO D 70 23.53 4.35 16.54
N PRO D 71 23.10 3.30 15.86
CA PRO D 71 21.72 3.27 15.35
C PRO D 71 20.72 3.39 16.48
N HIS D 72 19.77 4.32 16.31
CA HIS D 72 18.80 4.56 17.36
C HIS D 72 17.67 5.42 16.79
N VAL D 73 16.54 5.38 17.49
CA VAL D 73 15.41 6.26 17.21
C VAL D 73 15.19 7.12 18.44
N THR D 74 15.31 8.43 18.27
CA THR D 74 15.18 9.36 19.39
C THR D 74 13.70 9.58 19.71
N LEU D 75 13.35 9.45 20.98
CA LEU D 75 12.02 9.83 21.44
C LEU D 75 12.00 11.27 21.94
N GLY D 76 12.99 11.64 22.74
CA GLY D 76 13.11 13.00 23.21
C GLY D 76 14.47 13.27 23.79
N ILE D 77 14.79 14.55 23.89
CA ILE D 77 16.01 15.03 24.53
C ILE D 77 15.62 16.01 25.62
N THR D 78 16.23 15.88 26.79
CA THR D 78 15.90 16.75 27.91
C THR D 78 17.17 17.02 28.71
N ASN D 79 17.05 17.88 29.70
CA ASN D 79 18.17 18.30 30.50
C ASN D 79 18.69 17.25 31.44
N LYS D 80 19.91 17.43 31.91
CA LYS D 80 20.54 16.50 32.82
C LYS D 80 19.77 16.37 34.12
N ASP D 81 19.20 17.46 34.62
CA ASP D 81 18.41 17.36 35.82
C ASP D 81 17.25 16.36 35.77
N GLN D 82 16.72 16.01 34.61
CA GLN D 82 15.69 15.01 34.52
C GLN D 82 16.20 13.57 34.50
N GLU D 83 17.48 13.36 34.77
CA GLU D 83 18.06 12.01 34.73
C GLU D 83 17.33 11.07 35.70
N ALA D 84 16.98 11.57 36.89
CA ALA D 84 16.29 10.72 37.85
C ALA D 84 14.87 10.39 37.38
N ASN D 85 14.14 11.40 36.90
CA ASN D 85 12.80 11.15 36.36
C ASN D 85 12.84 10.11 35.25
N PHE D 86 13.81 10.22 34.34
CA PHE D 86 13.90 9.25 33.25
C PHE D 86 14.23 7.86 33.77
N GLN D 87 15.15 7.76 34.74
CA GLN D 87 15.43 6.48 35.34
C GLN D 87 14.17 5.88 35.97
N ARG D 88 13.36 6.73 36.61
CA ARG D 88 12.11 6.25 37.19
C ARG D 88 11.16 5.75 36.11
N PHE D 89 11.17 6.41 34.94
CA PHE D 89 10.34 5.96 33.84
C PHE D 89 10.80 4.61 33.30
N LYS D 90 12.11 4.39 33.22
CA LYS D 90 12.61 3.08 32.83
C LYS D 90 12.10 2.00 33.77
N GLU D 91 12.12 2.27 35.08
CA GLU D 91 11.64 1.30 36.04
C GLU D 91 10.13 1.13 35.94
N LEU D 92 9.40 2.24 35.74
CA LEU D 92 7.95 2.16 35.61
C LEU D 92 7.56 1.31 34.41
N THR D 93 8.38 1.28 33.37
CA THR D 93 8.10 0.52 32.16
C THR D 93 8.86 -0.79 32.09
N ARG D 94 9.35 -1.29 33.23
CA ARG D 94 10.19 -2.49 33.20
C ARG D 94 9.45 -3.71 32.67
N ASN D 95 8.12 -3.72 32.75
CA ASN D 95 7.34 -4.85 32.24
C ASN D 95 6.96 -4.69 30.78
N ILE D 96 7.38 -3.61 30.13
CA ILE D 96 7.17 -3.42 28.70
C ILE D 96 8.33 -4.06 27.96
N ASP D 97 8.02 -5.00 27.06
CA ASP D 97 9.05 -5.64 26.25
C ASP D 97 9.39 -4.72 25.08
N LEU D 98 10.46 -3.95 25.24
CA LEU D 98 10.87 -3.04 24.16
C LEU D 98 11.28 -3.80 22.90
N THR D 99 11.82 -5.01 23.06
CA THR D 99 12.24 -5.80 21.91
C THR D 99 11.08 -6.26 21.05
N SER D 100 9.84 -6.06 21.51
CA SER D 100 8.67 -6.36 20.69
C SER D 100 8.32 -5.21 19.76
N LEU D 101 8.95 -4.07 19.94
CA LEU D 101 8.65 -2.94 19.09
C LEU D 101 9.44 -2.98 17.83
N SER D 102 8.83 -2.44 16.80
CA SER D 102 9.45 -2.34 15.51
C SER D 102 8.99 -1.12 14.73
N PHE D 103 9.83 -0.75 13.80
CA PHE D 103 9.63 0.34 12.93
C PHE D 103 9.83 -0.16 11.51
N THR D 104 9.24 0.54 10.56
CA THR D 104 9.41 0.19 9.16
C THR D 104 9.99 1.36 8.39
N CYS D 105 11.04 1.09 7.63
CA CYS D 105 11.70 2.09 6.81
C CYS D 105 10.79 2.58 5.68
N LYS D 106 10.40 3.84 5.71
CA LYS D 106 9.52 4.35 4.67
C LYS D 106 10.16 5.13 3.56
N GLU D 107 10.91 6.14 3.91
CA GLU D 107 11.52 7.05 2.97
C GLU D 107 12.82 7.66 3.50
N VAL D 108 13.72 7.95 2.58
CA VAL D 108 14.96 8.62 2.94
C VAL D 108 14.75 10.12 2.80
N ILE D 109 15.13 10.87 3.83
CA ILE D 109 14.91 12.31 3.88
C ILE D 109 16.22 12.97 4.29
N CYS D 110 16.62 13.99 3.55
CA CYS D 110 17.73 14.85 3.96
C CYS D 110 17.13 16.03 4.73
N PHE D 111 17.30 16.01 6.05
CA PHE D 111 16.77 17.09 6.86
C PHE D 111 17.41 18.42 6.45
N PRO D 112 16.67 19.53 6.55
CA PRO D 112 17.29 20.83 6.37
C PRO D 112 18.41 21.04 7.37
N GLN D 113 19.33 21.93 7.02
CA GLN D 113 20.43 22.24 7.92
C GLN D 113 19.90 22.90 9.18
N SER D 114 20.33 22.40 10.33
CA SER D 114 19.94 22.99 11.61
C SER D 114 20.32 24.47 11.66
N ARG D 115 19.34 25.31 11.99
CA ARG D 115 19.60 26.73 12.12
C ARG D 115 20.73 27.00 13.11
N ALA D 116 20.74 26.25 14.23
CA ALA D 116 21.74 26.49 15.26
C ALA D 116 23.12 25.98 14.84
N SER D 117 23.16 24.86 14.13
CA SER D 117 24.45 24.31 13.71
C SER D 117 25.13 25.23 12.72
N LYS D 118 24.37 25.76 11.76
CA LYS D 118 24.94 26.74 10.82
C LYS D 118 25.55 27.92 11.56
N GLU D 119 24.84 28.42 12.58
CA GLU D 119 25.35 29.55 13.36
C GLU D 119 26.71 29.22 13.97
N LEU D 120 26.90 27.98 14.40
CA LEU D 120 28.15 27.56 15.05
C LEU D 120 29.24 27.17 14.06
N GLY D 121 29.02 27.37 12.77
CA GLY D 121 30.03 27.06 11.79
C GLY D 121 29.94 25.71 11.11
N ALA D 122 28.95 24.93 11.44
CA ALA D 122 28.79 23.63 10.83
C ALA D 122 28.26 23.72 9.40
N ASN D 123 28.57 22.73 8.60
CA ASN D 123 28.16 22.67 7.22
C ASN D 123 27.56 21.31 6.84
N GLY D 124 26.77 20.73 7.73
CA GLY D 124 26.20 19.44 7.49
C GLY D 124 24.71 19.30 7.57
N ARG D 125 24.21 18.32 6.85
CA ARG D 125 22.81 17.99 6.77
C ARG D 125 22.72 16.52 7.06
N ALA D 126 21.68 16.14 7.76
CA ALA D 126 21.46 14.76 8.15
C ALA D 126 20.61 14.06 7.10
N VAL D 127 21.09 12.92 6.62
CA VAL D 127 20.32 12.02 5.78
C VAL D 127 19.78 10.92 6.69
N VAL D 128 18.46 10.80 6.76
CA VAL D 128 17.81 9.88 7.70
C VAL D 128 16.84 8.99 6.93
N MET D 129 16.49 7.87 7.55
CA MET D 129 15.41 7.03 7.07
C MET D 129 14.17 7.35 7.89
N LYS D 130 13.19 7.99 7.27
CA LYS D 130 11.92 8.23 7.93
C LYS D 130 11.24 6.90 8.20
N LEU D 131 10.74 6.73 9.43
CA LEU D 131 10.17 5.48 9.88
C LEU D 131 8.68 5.61 10.13
N GLU D 132 7.97 4.50 9.94
CA GLU D 132 6.58 4.39 10.39
C GLU D 132 6.58 3.77 11.78
N ALA D 133 6.00 4.47 12.74
CA ALA D 133 5.97 4.02 14.12
C ALA D 133 4.59 3.49 14.49
N SER D 134 4.58 2.47 15.34
CA SER D 134 3.32 1.90 15.80
C SER D 134 2.69 2.78 16.88
N ASP D 135 1.40 2.55 17.13
CA ASP D 135 0.73 3.24 18.22
C ASP D 135 1.43 2.97 19.54
N ASP D 136 1.94 1.75 19.73
CA ASP D 136 2.69 1.45 20.95
C ASP D 136 3.85 2.40 21.13
N VAL D 137 4.59 2.68 20.05
CA VAL D 137 5.72 3.60 20.14
C VAL D 137 5.23 5.01 20.44
N LYS D 138 4.21 5.47 19.70
CA LYS D 138 3.70 6.82 19.93
C LYS D 138 3.20 6.99 21.36
N ALA D 139 2.45 6.02 21.87
CA ALA D 139 1.99 6.10 23.25
C ALA D 139 3.15 6.08 24.22
N LEU D 140 4.17 5.27 23.94
CA LEU D 140 5.36 5.24 24.80
C LEU D 140 6.01 6.61 24.87
N ARG D 141 6.14 7.28 23.72
CA ARG D 141 6.72 8.62 23.69
C ARG D 141 5.83 9.61 24.45
N ASN D 142 4.51 9.54 24.23
CA ASN D 142 3.61 10.47 24.90
C ASN D 142 3.68 10.32 26.42
N VAL D 143 3.60 9.08 26.92
CA VAL D 143 3.66 8.90 28.37
C VAL D 143 5.04 9.27 28.91
N LEU D 144 6.10 9.03 28.13
CA LEU D 144 7.42 9.49 28.52
C LEU D 144 7.41 10.99 28.81
N PHE D 145 6.81 11.77 27.90
CA PHE D 145 6.72 13.21 28.10
C PHE D 145 5.82 13.60 29.26
N ASN D 146 4.91 12.71 29.66
CA ASN D 146 4.04 12.99 30.81
C ASN D 146 4.74 12.71 32.13
N VAL D 147 5.78 11.88 32.14
CA VAL D 147 6.50 11.53 33.35
C VAL D 147 7.82 12.30 33.41
N VAL D 148 8.43 12.53 32.26
CA VAL D 148 9.72 13.17 32.17
C VAL D 148 9.56 14.49 31.44
N PRO D 149 9.58 15.63 32.16
CA PRO D 149 9.47 16.93 31.48
C PRO D 149 10.49 17.07 30.37
N THR D 150 10.01 17.30 29.14
CA THR D 150 10.86 17.32 27.96
C THR D 150 10.60 18.59 27.17
N PRO D 151 11.65 19.28 26.73
CA PRO D 151 11.43 20.48 25.90
C PRO D 151 10.55 20.17 24.70
N ARG D 152 9.60 21.06 24.45
CA ARG D 152 8.74 20.93 23.27
C ARG D 152 9.57 21.07 22.00
N ASP D 153 9.36 20.15 21.08
CA ASP D 153 10.00 20.12 19.79
C ASP D 153 9.63 21.35 18.98
N ILE D 154 10.58 22.18 18.60
CA ILE D 154 10.24 23.27 17.71
C ILE D 154 11.23 23.19 16.55
N PHE D 155 10.80 22.68 15.42
CA PHE D 155 11.71 22.52 14.29
C PHE D 155 11.39 23.41 13.11
N GLY D 156 10.25 24.04 13.18
CA GLY D 156 9.79 24.97 12.18
C GLY D 156 9.42 26.30 12.79
N PRO D 157 8.39 26.95 12.24
CA PRO D 157 7.90 28.18 12.86
C PRO D 157 7.41 27.91 14.27
N VAL D 158 7.74 28.82 15.19
CA VAL D 158 7.36 28.64 16.59
C VAL D 158 5.86 28.48 16.76
N LEU D 159 5.07 28.97 15.80
CA LEU D 159 3.61 28.87 15.91
C LEU D 159 3.10 27.50 15.47
N SER D 160 3.86 26.71 14.76
CA SER D 160 3.37 25.41 14.33
C SER D 160 3.49 24.31 15.34
N ASP D 161 2.51 23.46 15.42
CA ASP D 161 2.59 22.32 16.31
C ASP D 161 3.57 21.33 15.69
N PRO D 162 4.35 20.65 16.50
CA PRO D 162 5.29 19.70 15.94
C PRO D 162 4.69 18.43 15.36
N VAL D 163 5.27 17.94 14.28
CA VAL D 163 4.84 16.69 13.74
C VAL D 163 6.05 15.79 13.88
N TRP D 164 5.97 14.81 14.75
CA TRP D 164 7.11 13.96 15.00
C TRP D 164 7.50 13.21 13.75
N CYS D 165 8.78 13.19 13.47
CA CYS D 165 9.24 12.44 12.33
C CYS D 165 10.11 11.35 12.87
N PRO D 166 9.55 10.19 13.17
CA PRO D 166 10.38 9.06 13.61
C PRO D 166 11.40 8.70 12.55
N HIS D 167 12.67 8.65 12.96
CA HIS D 167 13.73 8.42 11.98
C HIS D 167 14.94 7.82 12.66
N VAL D 168 15.70 7.04 11.89
CA VAL D 168 17.04 6.62 12.26
C VAL D 168 18.00 7.36 11.34
N THR D 169 18.81 8.24 11.93
CA THR D 169 19.78 8.99 11.15
C THR D 169 20.86 8.07 10.61
N ILE D 170 21.14 8.19 9.31
CA ILE D 170 22.17 7.35 8.69
C ILE D 170 23.52 8.03 8.68
N GLY D 171 23.58 9.32 8.33
CA GLY D 171 24.85 10.02 8.33
C GLY D 171 24.68 11.46 7.91
N TYR D 172 25.68 12.26 8.25
CA TYR D 172 25.73 13.67 7.91
C TYR D 172 26.65 13.90 6.71
N VAL D 173 26.22 14.78 5.80
CA VAL D 173 27.00 15.12 4.62
C VAL D 173 27.06 16.64 4.53
N ARG D 174 28.04 17.13 3.79
CA ARG D 174 28.17 18.57 3.61
C ARG D 174 26.93 19.12 2.91
N ALA D 175 26.48 20.28 3.37
CA ALA D 175 25.27 20.89 2.81
C ALA D 175 25.46 21.47 1.41
N ASP D 176 26.70 21.63 0.97
CA ASP D 176 26.96 22.22 -0.33
C ASP D 176 27.46 21.25 -1.40
N ASP D 177 27.19 19.96 -1.24
CA ASP D 177 27.63 19.02 -2.24
C ASP D 177 26.44 18.17 -2.62
N GLU D 178 25.65 18.73 -3.52
CA GLU D 178 24.47 18.12 -4.04
C GLU D 178 24.68 16.75 -4.59
N ASP D 179 25.69 16.60 -5.44
CA ASP D 179 25.98 15.28 -6.01
C ASP D 179 26.18 14.24 -4.93
N ASN D 180 27.08 14.51 -3.97
CA ASN D 180 27.34 13.56 -2.91
C ASN D 180 26.08 13.25 -2.11
N LYS D 181 25.29 14.28 -1.81
CA LYS D 181 24.05 14.07 -1.06
C LYS D 181 23.08 13.19 -1.85
N ASN D 182 22.88 13.50 -3.13
CA ASN D 182 21.93 12.74 -3.94
C ASN D 182 22.39 11.29 -4.11
N SER D 183 23.70 11.07 -4.25
CA SER D 183 24.20 9.70 -4.37
C SER D 183 23.94 8.92 -3.09
N PHE D 184 24.14 9.56 -1.93
CA PHE D 184 23.85 8.92 -0.66
C PHE D 184 22.38 8.55 -0.56
N ILE D 185 21.49 9.50 -0.86
CA ILE D 185 20.06 9.26 -0.76
C ILE D 185 19.66 8.06 -1.61
N GLU D 186 20.13 8.04 -2.86
CA GLU D 186 19.77 6.94 -3.76
C GLU D 186 20.17 5.60 -3.17
N LEU D 187 21.40 5.50 -2.64
CA LEU D 187 21.86 4.24 -2.07
C LEU D 187 21.03 3.84 -0.86
N ALA D 188 20.71 4.80 0.01
CA ALA D 188 19.93 4.48 1.19
C ALA D 188 18.50 4.07 0.83
N GLU D 189 17.97 4.59 -0.27
CA GLU D 189 16.60 4.29 -0.64
C GLU D 189 16.39 2.82 -0.95
N ALA D 190 17.47 2.07 -1.24
CA ALA D 190 17.33 0.65 -1.48
C ALA D 190 16.90 -0.11 -0.24
N PHE D 191 16.99 0.50 0.94
CA PHE D 191 16.61 -0.16 2.19
C PHE D 191 15.19 0.16 2.62
N ARG D 192 14.47 0.97 1.85
CA ARG D 192 13.09 1.27 2.20
C ARG D 192 12.26 -0.02 2.26
N GLY D 193 11.39 -0.09 3.27
CA GLY D 193 10.59 -1.28 3.50
C GLY D 193 11.15 -2.23 4.53
N SER D 194 12.40 -2.05 4.95
CA SER D 194 13.01 -2.94 5.91
C SER D 194 12.41 -2.75 7.29
N LYS D 195 12.37 -3.84 8.06
CA LYS D 195 11.93 -3.81 9.44
C LYS D 195 13.11 -3.54 10.36
N ILE D 196 12.92 -2.62 11.30
CA ILE D 196 13.96 -2.22 12.24
C ILE D 196 13.55 -2.72 13.62
N LYS D 197 14.31 -3.67 14.16
CA LYS D 197 14.01 -4.21 15.47
C LYS D 197 14.57 -3.32 16.57
N VAL D 198 13.79 -3.14 17.63
CA VAL D 198 14.21 -2.35 18.78
C VAL D 198 14.95 -3.25 19.77
N ILE D 199 16.07 -2.76 20.28
CA ILE D 199 16.92 -3.51 21.18
C ILE D 199 16.66 -3.14 22.64
N GLY D 200 16.48 -1.85 22.91
CA GLY D 200 16.30 -1.38 24.26
C GLY D 200 16.53 0.12 24.32
N TRP D 201 16.58 0.63 25.55
CA TRP D 201 16.83 2.04 25.74
C TRP D 201 18.27 2.39 25.36
N CYS D 202 18.45 3.60 24.83
CA CYS D 202 19.79 4.13 24.62
C CYS D 202 20.45 4.42 25.95
N GLU D 203 21.77 4.24 26.01
CA GLU D 203 22.51 4.41 27.24
C GLU D 203 23.69 5.35 27.05
C02 A1AQN E . -3.34 -28.94 -10.87
C03 A1AQN E . -1.91 -28.61 -11.05
C04 A1AQN E . -1.41 -27.48 -10.61
C10 A1AQN E . -0.12 -27.87 -11.21
C12 A1AQN E . 0.14 -29.33 -10.69
C14 A1AQN E . 2.16 -30.52 -11.36
C16 A1AQN E . 1.65 -31.26 -13.22
C17 A1AQN E . 1.51 -31.82 -14.46
C20 A1AQN E . -0.60 -31.05 -14.57
C22 A1AQN E . 0.58 -30.61 -12.70
N13 A1AQN E . 0.92 -30.19 -11.53
N15 A1AQN E . 2.61 -31.19 -12.33
N18 A1AQN E . 2.60 -32.51 -15.05
N19 A1AQN E . 0.39 -31.71 -15.10
N21 A1AQN E . -0.51 -30.50 -13.40
O01 A1AQN E . -3.60 -29.35 -12.16
O05 A1AQN E . -1.21 -27.23 -9.29
O07 A1AQN E . -0.66 -24.71 -9.23
O09 A1AQN E . -0.91 -25.83 -7.28
O11 A1AQN E . 0.84 -26.98 -10.92
O23 A1AQN E . -1.00 -29.85 -10.73
P06 A1AQN E . -1.42 -25.76 -8.62
S08 A1AQN E . -3.47 -25.33 -8.37
H022 A1AQN E . -3.47 -29.76 -10.16
H021 A1AQN E . -3.92 -28.07 -10.59
H031 A1AQN E . -1.82 -28.50 -12.13
H041 A1AQN E . -1.84 -26.61 -11.13
H101 A1AQN E . -0.25 -27.90 -12.29
H121 A1AQN E . 0.53 -29.31 -9.69
H141 A1AQN E . 2.72 -30.29 -10.46
H201 A1AQN E . -1.53 -30.97 -15.12
H181 A1AQN E . 3.27 -32.97 -14.47
H182 A1AQN E . 2.71 -32.52 -16.05
H011 A1AQN E . -4.20 -30.07 -12.15
H111 A1AQN E . 0.52 -26.10 -11.07
N9 GUN F . -8.79 -22.37 -9.89
C8 GUN F . -10.09 -22.30 -9.49
N7 GUN F . -10.64 -21.17 -9.81
C5 GUN F . -9.66 -20.46 -10.45
C6 GUN F . -9.66 -19.15 -11.02
O6 GUN F . -10.57 -18.34 -11.08
N1 GUN F . -8.41 -18.84 -11.58
C2 GUN F . -7.31 -19.65 -11.58
N2 GUN F . -6.20 -19.17 -12.16
N3 GUN F . -7.31 -20.85 -11.05
C4 GUN F . -8.48 -21.19 -10.50
HN9 GUN F . -8.25 -23.04 -9.78
H8 GUN F . -10.50 -23.00 -9.05
HN1 GUN F . -8.34 -18.06 -11.93
HN21 GUN F . -5.46 -19.67 -12.17
HN22 GUN F . -6.15 -18.36 -12.52
C02 A1AQN G . 20.77 15.56 17.73
C03 A1AQN G . 20.62 14.30 18.49
C04 A1AQN G . 19.92 13.29 18.02
C10 A1AQN G . 20.22 12.56 19.26
C12 A1AQN G . 21.76 12.65 19.42
C14 A1AQN G . 22.82 11.56 21.26
C16 A1AQN G . 22.54 12.91 22.82
C17 A1AQN G . 22.45 13.64 23.98
C20 A1AQN G . 21.38 15.28 22.84
C22 A1AQN G . 22.03 13.45 21.69
N13 A1AQN G . 22.25 12.59 20.75
N15 A1AQN G . 23.04 11.74 22.51
N18 A1AQN G . 23.01 13.12 25.17
N19 A1AQN G . 21.87 14.81 23.95
N21 A1AQN G . 21.45 14.62 21.72
O01 A1AQN G . 20.65 16.44 18.79
O05 A1AQN G . 20.32 12.59 16.92
O07 A1AQN G . 19.80 11.21 14.97
O09 A1AQN G . 18.01 11.53 16.51
O11 A1AQN G . 19.78 11.28 19.31
O23 A1AQN G . 22.02 13.81 19.05
P06 A1AQN G . 19.19 12.08 15.90
S08 A1AQN G . 18.36 13.73 14.91
H022 A1AQN G . 21.74 15.64 17.26
H021 A1AQN G . 19.97 15.69 17.02
H031 A1AQN G . 20.08 14.60 19.38
H041 A1AQN G . 18.88 13.55 17.95
H101 A1AQN G . 19.77 13.10 20.07
H121 A1AQN G . 22.25 11.93 18.79
H141 A1AQN G . 23.12 10.68 20.71
H201 A1AQN G . 20.91 16.25 22.85
H181 A1AQN G . 22.63 13.37 26.07
H182 A1AQN G . 23.79 12.47 25.12
H011 A1AQN G . 20.60 17.33 18.47
H111 A1AQN G . 19.63 11.04 20.21
N9 GUN H . 14.12 16.46 13.04
C8 GUN H . 13.04 15.69 13.40
N7 GUN H . 11.88 16.10 12.94
C5 GUN H . 12.22 17.23 12.22
C6 GUN H . 11.43 18.16 11.46
O6 GUN H . 10.23 18.15 11.23
N1 GUN H . 12.20 19.16 10.88
C2 GUN H . 13.56 19.28 11.01
N2 GUN H . 14.16 20.31 10.40
N3 GUN H . 14.31 18.45 11.71
C4 GUN H . 13.61 17.46 12.27
HN9 GUN H . 14.94 16.34 13.26
H8 GUN H . 13.16 14.94 13.92
HN1 GUN H . 11.78 19.73 10.39
HN21 GUN H . 15.04 20.39 10.50
HN22 GUN H . 13.73 20.92 9.91
#